data_8HQY
#
_entry.id   8HQY
#
_cell.length_a   1.00
_cell.length_b   1.00
_cell.length_c   1.00
_cell.angle_alpha   90.00
_cell.angle_beta   90.00
_cell.angle_gamma   90.00
#
_symmetry.space_group_name_H-M   'P 1'
#
loop_
_entity.id
_entity.type
_entity.pdbx_description
1 polymer 'Histone H3'
2 polymer 'Histone H4 (Fragment)'
3 polymer 'Histone H2A type 1-B/E'
4 polymer 'Histone H2B type 1-K'
5 polymer 'Histone H4'
6 polymer 'Histone H2A type 1-B/E'
7 polymer 'Protein SSX2'
8 polymer 'Polyubiquitin-B (Fragment)'
9 polymer 'DNA (137-MER)'
10 polymer 'DNA (136-MER)'
#
loop_
_entity_poly.entity_id
_entity_poly.type
_entity_poly.pdbx_seq_one_letter_code
_entity_poly.pdbx_strand_id
1 'polypeptide(L)'
;PHRYRPGTVALREIRRYQKSTELLIRKLPFQRLVREIAQDFKTDLRFQSSAVMALQEASEAYLVGLFEDTNLSAIHAKRV
TIMPKDIQLARRIRGER
;
A,E
2 'polypeptide(L)'
;RKVLRDNIQGITKPAIRRLARRGGVKRISGLIYEETRGVLKVFLENVIRDAVTYTEHAKRKTVTAMDVVYALKRQGRTLY
GFG
;
B
3 'polypeptide(L)'
;KAKTRSSRAGLQFPVGRVHRLLRKGNYSERVGAGAPVYLAAVLEYLTAEILELAGNAARDNKKTRIIPRHLQLAIRNDEE
LNKLLGRVTIAQGGVLPNIQAVLLPKC
;
C
4 'polypeptide(L)'
;KESYSVYVYKVLKQVHPDTGISSKAMGIMNSFVNDIFERIAGEASRLAHYNKRSTITSREIQTAVRLLLPGELAKHAVSE
GTKAVTKYTSA
;
D,H
5 'polypeptide(L)'
;VLRDNIQGITKPAIRRLARRGGVKRISGLIYEETRGVLKVFLENVIRDAVTYTEHAKRKTVTAMDVVYALKRQGRTLYGF
G
;
F
6 'polypeptide(L)'
;KAKTRSSRAGLQFPVGRVHRLLRKGNYSERVGAGAPVYLAAVLEYLTAEILELAGNAARDNKKTRIIPRHLQLAIRNDEE
LNKLLGRVTIAQGGVLPNIQAVLLPK
;
G
7 'polypeptide(L)' HAWTHRLRERKQLVIYEEISDPE S
8 'polypeptide(L)' MQIFVKTLTGKTITLEVEPSDTIENVKAKIQDKEGIPPDQQRLIFAGKQLEDGRTLSDYNIQKESTLHLVLRLR U
9 'polydeoxyribonucleotide'
;(DA)(DT)(DG)(DA)(DG)(DA)(DA)(DT)(DC)(DC)(DC)(DG)(DG)(DT)(DG)(DC)(DC)(DG)(DA)(DG)
(DG)(DC)(DC)(DG)(DC)(DT)(DC)(DA)(DA)(DT)(DT)(DG)(DG)(DT)(DC)(DG)(DT)(DA)(DG)(DA)
(DC)(DA)(DG)(DC)(DT)(DC)(DT)(DA)(DG)(DC)(DA)(DC)(DC)(DG)(DC)(DT)(DT)(DA)(DA)(DA)
(DC)(DG)(DC)(DA)(DC)(DG)(DT)(DA)(DC)(DG)(DC)(DG)(DC)(DT)(DG)(DT)(DC)(DC)(DC)(DC)
(DC)(DG)(DC)(DG)(DT)(DT)(DT)(DT)(DA)(DA)(DC)(DC)(DG)(DC)(DC)(DA)(DA)(DG)(DG)(DG)
(DG)(DA)(DT)(DT)(DA)(DC)(DT)(DC)(DC)(DC)(DT)(DA)(DG)(DT)(DC)(DT)(DC)(DC)(DA)(DG)
(DG)(DC)(DA)(DC)(DG)(DT)(DG)(DT)(DC)(DA)(DG)(DA)(DT)(DA)(DT)(DA)
;
I
10 'polydeoxyribonucleotide'
;(DT)(DA)(DT)(DA)(DT)(DC)(DT)(DG)(DA)(DC)(DA)(DC)(DG)(DT)(DG)(DC)(DC)(DT)(DG)(DG)
(DA)(DG)(DA)(DC)(DT)(DA)(DG)(DG)(DG)(DA)(DG)(DT)(DA)(DA)(DT)(DC)(DC)(DC)(DC)(DT)
(DT)(DG)(DG)(DC)(DG)(DG)(DT)(DT)(DA)(DA)(DA)(DA)(DC)(DG)(DC)(DG)(DG)(DG)(DG)(DG)
(DA)(DC)(DA)(DG)(DC)(DG)(DC)(DG)(DT)(DA)(DC)(DG)(DT)(DG)(DC)(DG)(DT)(DT)(DT)(DA)
(DA)(DG)(DC)(DG)(DG)(DT)(DG)(DC)(DT)(DA)(DG)(DA)(DG)(DC)(DT)(DG)(DT)(DC)(DT)(DA)
(DC)(DG)(DA)(DC)(DC)(DA)(DA)(DT)(DT)(DG)(DA)(DG)(DC)(DG)(DG)(DC)(DC)(DT)(DC)(DG)
(DG)(DC)(DA)(DC)(DC)(DG)(DG)(DG)(DA)(DT)(DT)(DC)(DT)(DC)(DA)(DT)
;
J
#
loop_
_chem_comp.id
_chem_comp.type
_chem_comp.name
_chem_comp.formula
DA DNA linking 2'-DEOXYADENOSINE-5'-MONOPHOSPHATE 'C10 H14 N5 O6 P'
DC DNA linking 2'-DEOXYCYTIDINE-5'-MONOPHOSPHATE 'C9 H14 N3 O7 P'
DG DNA linking 2'-DEOXYGUANOSINE-5'-MONOPHOSPHATE 'C10 H14 N5 O7 P'
DT DNA linking THYMIDINE-5'-MONOPHOSPHATE 'C10 H15 N2 O8 P'
#
# COMPACT_ATOMS: atom_id res chain seq x y z
CA PRO A 1 -3.20 1.62 -54.83
C PRO A 1 -3.48 0.59 -53.74
N HIS A 2 -2.49 0.39 -52.87
CA HIS A 2 -2.54 -0.64 -51.85
C HIS A 2 -3.00 -0.05 -50.53
N ARG A 3 -3.75 -0.85 -49.78
CA ARG A 3 -4.24 -0.43 -48.48
C ARG A 3 -4.34 -1.67 -47.61
N TYR A 4 -3.98 -1.52 -46.34
CA TYR A 4 -3.99 -2.63 -45.40
C TYR A 4 -5.35 -2.74 -44.71
N ARG A 5 -5.57 -3.87 -44.05
CA ARG A 5 -6.74 -3.99 -43.20
C ARG A 5 -6.54 -3.16 -41.94
N PRO A 6 -7.60 -2.57 -41.42
CA PRO A 6 -7.44 -1.68 -40.26
C PRO A 6 -7.16 -2.42 -38.97
N GLY A 7 -5.87 -2.64 -38.70
CA GLY A 7 -5.44 -3.38 -37.53
C GLY A 7 -4.15 -4.13 -37.76
N THR A 8 -3.82 -4.36 -39.04
CA THR A 8 -2.54 -4.97 -39.37
C THR A 8 -1.39 -4.01 -39.09
N VAL A 9 -1.58 -2.73 -39.42
CA VAL A 9 -0.60 -1.72 -39.08
C VAL A 9 -0.51 -1.56 -37.56
N ALA A 10 -1.63 -1.79 -36.86
CA ALA A 10 -1.63 -1.73 -35.41
C ALA A 10 -0.76 -2.84 -34.82
N LEU A 11 -0.92 -4.06 -35.32
CA LEU A 11 -0.08 -5.18 -34.87
C LEU A 11 1.38 -4.95 -35.23
N ARG A 12 1.62 -4.33 -36.39
CA ARG A 12 2.98 -3.99 -36.82
C ARG A 12 3.63 -3.04 -35.84
N GLU A 13 2.91 -1.99 -35.45
CA GLU A 13 3.43 -1.02 -34.52
C GLU A 13 3.58 -1.60 -33.12
N ILE A 14 2.73 -2.56 -32.74
CA ILE A 14 2.87 -3.19 -31.43
C ILE A 14 4.15 -4.00 -31.37
N ARG A 15 4.42 -4.80 -32.41
CA ARG A 15 5.67 -5.56 -32.46
C ARG A 15 6.88 -4.63 -32.49
N ARG A 16 6.77 -3.53 -33.22
CA ARG A 16 7.87 -2.57 -33.33
C ARG A 16 8.17 -1.90 -31.99
N TYR A 17 7.16 -1.29 -31.37
CA TYR A 17 7.39 -0.58 -30.12
C TYR A 17 7.61 -1.51 -28.94
N GLN A 18 7.33 -2.81 -29.07
CA GLN A 18 7.79 -3.70 -28.03
C GLN A 18 9.19 -4.19 -28.28
N LYS A 19 9.66 -4.17 -29.52
CA LYS A 19 11.07 -4.46 -29.73
C LYS A 19 11.97 -3.29 -29.32
N SER A 20 11.50 -2.06 -29.51
CA SER A 20 12.33 -0.91 -29.25
C SER A 20 12.24 -0.48 -27.78
N THR A 21 13.22 0.31 -27.35
CA THR A 21 13.33 0.72 -25.95
C THR A 21 13.47 2.22 -25.74
N GLU A 22 13.35 3.02 -26.79
CA GLU A 22 13.57 4.45 -26.62
C GLU A 22 12.39 5.09 -25.90
N LEU A 23 12.56 6.35 -25.55
CA LEU A 23 11.48 7.09 -24.95
C LEU A 23 10.49 7.50 -26.03
N LEU A 24 9.25 7.71 -25.62
CA LEU A 24 8.19 7.92 -26.59
C LEU A 24 7.55 9.29 -26.50
N ILE A 25 7.69 9.97 -25.41
CA ILE A 25 7.16 11.31 -25.27
C ILE A 25 8.26 12.29 -25.68
N ARG A 26 7.87 13.37 -26.36
CA ARG A 26 8.84 14.36 -26.77
C ARG A 26 9.41 15.12 -25.58
N LYS A 27 10.73 15.32 -25.63
CA LYS A 27 11.48 15.67 -24.44
C LYS A 27 11.22 17.10 -24.02
N LEU A 28 11.17 18.04 -24.94
CA LEU A 28 10.89 19.42 -24.57
C LEU A 28 9.48 19.65 -24.00
N PRO A 29 8.39 19.09 -24.56
CA PRO A 29 7.10 19.31 -23.88
C PRO A 29 6.97 18.58 -22.56
N PHE A 30 7.58 17.39 -22.40
CA PHE A 30 7.57 16.78 -21.06
C PHE A 30 8.38 17.62 -20.09
N GLN A 31 9.54 18.07 -20.55
CA GLN A 31 10.48 18.86 -19.79
C GLN A 31 9.89 20.22 -19.43
N ARG A 32 8.85 20.63 -20.14
CA ARG A 32 8.13 21.86 -19.84
C ARG A 32 6.95 21.63 -18.91
N LEU A 33 6.29 20.46 -19.03
CA LEU A 33 5.32 20.03 -18.02
C LEU A 33 5.89 20.02 -16.64
N VAL A 34 7.12 19.53 -16.51
CA VAL A 34 7.72 19.37 -15.20
C VAL A 34 7.87 20.71 -14.51
N ARG A 35 8.21 21.75 -15.27
CA ARG A 35 8.27 23.07 -14.65
C ARG A 35 6.90 23.68 -14.43
N GLU A 36 5.91 23.38 -15.29
CA GLU A 36 4.52 23.76 -14.99
C GLU A 36 4.07 23.24 -13.64
N ILE A 37 4.39 22.00 -13.32
CA ILE A 37 3.91 21.46 -12.07
C ILE A 37 4.78 21.95 -10.92
N ALA A 38 6.07 22.06 -11.13
CA ALA A 38 6.97 22.49 -10.08
C ALA A 38 6.83 23.96 -9.72
N GLN A 39 6.17 24.77 -10.56
CA GLN A 39 5.85 26.12 -10.12
C GLN A 39 4.89 26.12 -8.93
N ASP A 40 4.06 25.09 -8.80
CA ASP A 40 3.04 25.11 -7.78
C ASP A 40 3.58 24.78 -6.40
N PHE A 41 4.85 24.45 -6.27
CA PHE A 41 5.40 24.12 -4.97
C PHE A 41 6.46 25.11 -4.55
N LYS A 42 7.39 25.45 -5.44
CA LYS A 42 8.34 26.51 -5.18
C LYS A 42 8.75 27.09 -6.51
N THR A 43 8.68 28.40 -6.64
CA THR A 43 9.10 29.02 -7.87
C THR A 43 10.62 29.03 -7.97
N ASP A 44 11.11 29.26 -9.18
CA ASP A 44 12.53 29.41 -9.50
C ASP A 44 13.33 28.18 -9.09
N LEU A 45 12.77 27.01 -9.35
CA LEU A 45 13.50 25.78 -9.14
C LEU A 45 14.22 25.40 -10.41
N ARG A 46 15.36 24.75 -10.25
CA ARG A 46 16.18 24.30 -11.35
C ARG A 46 16.19 22.79 -11.35
N PHE A 47 16.46 22.21 -12.50
CA PHE A 47 16.40 20.77 -12.62
C PHE A 47 17.70 20.26 -13.21
N GLN A 48 18.23 19.21 -12.63
CA GLN A 48 19.28 18.47 -13.30
C GLN A 48 18.66 17.72 -14.47
N SER A 49 19.42 17.65 -15.56
CA SER A 49 18.93 17.02 -16.78
C SER A 49 18.68 15.53 -16.56
N SER A 50 19.49 14.90 -15.71
CA SER A 50 19.23 13.53 -15.36
C SER A 50 18.00 13.39 -14.49
N ALA A 51 17.62 14.42 -13.74
CA ALA A 51 16.38 14.35 -12.99
C ALA A 51 15.18 14.38 -13.92
N VAL A 52 15.24 15.21 -14.96
CA VAL A 52 14.17 15.22 -15.96
C VAL A 52 14.10 13.88 -16.68
N MET A 53 15.25 13.32 -17.01
CA MET A 53 15.25 12.01 -17.66
C MET A 53 14.76 10.91 -16.75
N ALA A 54 14.96 11.04 -15.44
CA ALA A 54 14.41 10.07 -14.50
C ALA A 54 12.90 10.16 -14.43
N LEU A 55 12.37 11.38 -14.46
CA LEU A 55 10.92 11.56 -14.46
C LEU A 55 10.30 10.98 -15.73
N GLN A 56 10.95 11.16 -16.88
CA GLN A 56 10.49 10.50 -18.11
C GLN A 56 10.50 8.99 -17.98
N GLU A 57 11.63 8.42 -17.57
CA GLU A 57 11.76 6.98 -17.46
C GLU A 57 10.78 6.38 -16.47
N ALA A 58 10.37 7.16 -15.47
CA ALA A 58 9.40 6.66 -14.50
C ALA A 58 7.99 6.72 -15.04
N SER A 59 7.59 7.88 -15.57
CA SER A 59 6.20 8.06 -15.93
C SER A 59 5.84 7.26 -17.17
N GLU A 60 6.80 7.04 -18.06
CA GLU A 60 6.48 6.18 -19.20
C GLU A 60 6.33 4.73 -18.79
N ALA A 61 7.11 4.27 -17.81
CA ALA A 61 6.93 2.91 -17.33
C ALA A 61 5.60 2.74 -16.63
N TYR A 62 5.18 3.78 -15.90
CA TYR A 62 3.87 3.76 -15.26
C TYR A 62 2.73 3.70 -16.27
N LEU A 63 2.85 4.46 -17.35
CA LEU A 63 1.77 4.45 -18.32
C LEU A 63 1.74 3.17 -19.14
N VAL A 64 2.90 2.58 -19.41
CA VAL A 64 2.92 1.26 -20.04
C VAL A 64 2.22 0.24 -19.14
N GLY A 65 2.46 0.32 -17.84
CA GLY A 65 1.76 -0.55 -16.91
C GLY A 65 0.26 -0.33 -16.88
N LEU A 66 -0.15 0.94 -16.99
CA LEU A 66 -1.58 1.22 -17.05
C LEU A 66 -2.23 0.64 -18.28
N PHE A 67 -1.62 0.83 -19.45
CA PHE A 67 -2.31 0.36 -20.63
C PHE A 67 -2.28 -1.16 -20.75
N GLU A 68 -1.26 -1.81 -20.20
CA GLU A 68 -1.34 -3.26 -20.19
C GLU A 68 -2.33 -3.77 -19.16
N ASP A 69 -2.67 -3.00 -18.14
CA ASP A 69 -3.75 -3.46 -17.29
C ASP A 69 -5.12 -3.19 -17.90
N THR A 70 -5.30 -2.04 -18.56
CA THR A 70 -6.58 -1.75 -19.18
C THR A 70 -6.83 -2.66 -20.36
N ASN A 71 -5.79 -3.15 -21.00
CA ASN A 71 -5.98 -4.12 -22.07
C ASN A 71 -6.57 -5.40 -21.51
N LEU A 72 -6.15 -5.81 -20.32
CA LEU A 72 -6.74 -6.99 -19.70
C LEU A 72 -8.18 -6.74 -19.32
N SER A 73 -8.44 -5.58 -18.73
CA SER A 73 -9.81 -5.29 -18.33
C SER A 73 -10.72 -4.92 -19.49
N ALA A 74 -10.19 -4.77 -20.71
CA ALA A 74 -11.02 -4.62 -21.89
C ALA A 74 -11.16 -5.90 -22.69
N ILE A 75 -10.20 -6.81 -22.61
CA ILE A 75 -10.44 -8.16 -23.09
C ILE A 75 -11.49 -8.83 -22.23
N HIS A 76 -11.40 -8.67 -20.92
CA HIS A 76 -12.54 -8.92 -20.07
C HIS A 76 -13.62 -7.92 -20.45
N ALA A 77 -14.86 -8.35 -20.40
CA ALA A 77 -16.05 -7.73 -21.01
C ALA A 77 -16.00 -7.72 -22.54
N LYS A 78 -15.07 -8.47 -23.13
CA LYS A 78 -15.16 -8.97 -24.51
C LYS A 78 -15.15 -7.85 -25.54
N ARG A 79 -14.26 -6.90 -25.37
CA ARG A 79 -14.07 -5.84 -26.36
C ARG A 79 -12.64 -5.87 -26.84
N VAL A 80 -12.30 -4.90 -27.68
CA VAL A 80 -10.94 -4.70 -28.15
C VAL A 80 -10.49 -3.27 -27.86
N THR A 81 -11.33 -2.29 -28.13
CA THR A 81 -11.02 -0.90 -27.83
C THR A 81 -10.96 -0.69 -26.34
N ILE A 82 -9.91 -0.01 -25.88
CA ILE A 82 -9.92 0.48 -24.51
C ILE A 82 -10.98 1.56 -24.40
N MET A 83 -11.72 1.56 -23.31
CA MET A 83 -12.56 2.68 -22.94
C MET A 83 -12.01 3.28 -21.67
N PRO A 84 -12.38 4.52 -21.33
CA PRO A 84 -11.95 5.07 -20.03
C PRO A 84 -12.47 4.32 -18.81
N LYS A 85 -13.53 3.53 -18.96
CA LYS A 85 -13.95 2.62 -17.90
C LYS A 85 -12.85 1.66 -17.51
N ASP A 86 -12.07 1.21 -18.49
CA ASP A 86 -10.99 0.29 -18.23
C ASP A 86 -9.89 0.97 -17.41
N ILE A 87 -9.61 2.24 -17.70
CA ILE A 87 -8.61 2.96 -16.95
C ILE A 87 -9.08 3.20 -15.52
N GLN A 88 -10.36 3.53 -15.36
CA GLN A 88 -10.91 3.76 -14.04
C GLN A 88 -10.91 2.49 -13.21
N LEU A 89 -11.27 1.36 -13.80
CA LEU A 89 -11.24 0.11 -13.07
C LEU A 89 -9.83 -0.38 -12.81
N ALA A 90 -8.89 -0.09 -13.70
CA ALA A 90 -7.51 -0.48 -13.44
C ALA A 90 -6.94 0.29 -12.27
N ARG A 91 -7.10 1.61 -12.27
CA ARG A 91 -6.65 2.41 -11.14
C ARG A 91 -7.46 2.17 -9.88
N ARG A 92 -8.64 1.58 -10.00
CA ARG A 92 -9.47 1.25 -8.85
C ARG A 92 -9.10 -0.06 -8.22
N ILE A 93 -8.78 -1.08 -9.01
CA ILE A 93 -8.37 -2.36 -8.46
C ILE A 93 -6.96 -2.27 -7.93
N ARG A 94 -6.09 -1.48 -8.59
CA ARG A 94 -4.73 -1.28 -8.12
C ARG A 94 -4.64 -0.60 -6.77
N GLY A 95 -5.71 0.02 -6.30
CA GLY A 95 -5.60 0.75 -5.06
C GLY A 95 -5.09 2.15 -5.23
N GLU A 96 -4.99 2.63 -6.46
CA GLU A 96 -4.64 4.03 -6.69
C GLU A 96 -5.82 4.95 -6.48
N ARG A 97 -7.00 4.41 -6.23
CA ARG A 97 -8.20 5.20 -6.05
C ARG A 97 -8.94 4.83 -4.78
N ARG B 1 7.74 30.18 -16.51
CA ARG B 1 8.07 31.41 -15.81
C ARG B 1 7.34 32.60 -16.41
N LYS B 2 7.55 32.80 -17.71
CA LYS B 2 6.96 33.93 -18.41
C LYS B 2 5.45 33.80 -18.48
N VAL B 3 4.97 32.72 -19.09
CA VAL B 3 3.55 32.36 -18.99
C VAL B 3 3.44 30.93 -18.48
N LEU B 4 4.09 29.99 -19.17
CA LEU B 4 4.18 28.57 -18.84
C LEU B 4 2.79 27.97 -18.64
N ARG B 5 2.04 27.95 -19.72
CA ARG B 5 0.65 27.53 -19.69
C ARG B 5 0.40 26.44 -20.71
N ASP B 6 -0.35 25.42 -20.27
CA ASP B 6 -0.94 24.39 -21.11
C ASP B 6 0.13 23.58 -21.82
N ASN B 7 0.91 22.87 -21.01
CA ASN B 7 1.83 21.89 -21.52
C ASN B 7 1.33 20.47 -21.33
N ILE B 8 0.17 20.31 -20.68
CA ILE B 8 -0.46 19.01 -20.66
C ILE B 8 -0.97 18.64 -22.04
N GLN B 9 -1.23 19.64 -22.89
CA GLN B 9 -1.49 19.39 -24.30
C GLN B 9 -0.24 19.09 -25.09
N GLY B 10 0.93 19.23 -24.48
CA GLY B 10 2.15 18.78 -25.12
C GLY B 10 2.30 17.28 -25.21
N ILE B 11 1.42 16.54 -24.53
CA ILE B 11 1.36 15.10 -24.67
C ILE B 11 0.35 14.82 -25.77
N THR B 12 0.84 14.60 -26.97
CA THR B 12 -0.01 14.53 -28.14
C THR B 12 -0.70 13.18 -28.22
N LYS B 13 -1.66 13.10 -29.14
CA LYS B 13 -2.31 11.83 -29.46
C LYS B 13 -1.36 10.72 -29.89
N PRO B 14 -0.43 10.90 -30.86
CA PRO B 14 0.36 9.73 -31.28
C PRO B 14 1.32 9.24 -30.23
N ALA B 15 1.74 10.10 -29.31
CA ALA B 15 2.58 9.65 -28.19
C ALA B 15 1.83 8.69 -27.28
N ILE B 16 0.58 9.03 -26.98
CA ILE B 16 -0.27 8.17 -26.18
C ILE B 16 -0.57 6.88 -26.93
N ARG B 17 -0.65 6.95 -28.26
CA ARG B 17 -0.78 5.73 -29.03
C ARG B 17 0.46 4.87 -28.96
N ARG B 18 1.65 5.48 -28.91
CA ARG B 18 2.88 4.71 -28.77
C ARG B 18 2.96 3.99 -27.43
N LEU B 19 2.61 4.71 -26.37
CA LEU B 19 2.58 4.11 -25.04
C LEU B 19 1.53 3.04 -24.94
N ALA B 20 0.41 3.20 -25.66
CA ALA B 20 -0.60 2.16 -25.68
C ALA B 20 -0.11 0.94 -26.43
N ARG B 21 0.60 1.13 -27.53
CA ARG B 21 1.01 -0.02 -28.30
C ARG B 21 2.22 -0.73 -27.75
N ARG B 22 2.94 -0.12 -26.81
CA ARG B 22 3.86 -0.96 -26.06
C ARG B 22 3.09 -1.93 -25.17
N GLY B 23 1.93 -1.53 -24.69
CA GLY B 23 1.12 -2.41 -23.89
C GLY B 23 0.29 -3.41 -24.65
N GLY B 24 0.46 -3.49 -25.96
CA GLY B 24 -0.25 -4.47 -26.75
C GLY B 24 -1.70 -4.12 -26.94
N VAL B 25 -1.98 -2.90 -27.35
CA VAL B 25 -3.35 -2.41 -27.50
C VAL B 25 -3.66 -2.25 -28.97
N LYS B 26 -4.66 -2.98 -29.45
CA LYS B 26 -4.91 -2.98 -30.88
C LYS B 26 -5.87 -1.87 -31.29
N ARG B 27 -6.84 -1.54 -30.45
CA ARG B 27 -7.81 -0.49 -30.76
C ARG B 27 -7.94 0.46 -29.58
N ILE B 28 -8.18 1.73 -29.89
CA ILE B 28 -8.12 2.80 -28.89
C ILE B 28 -9.29 3.73 -29.12
N SER B 29 -10.12 3.93 -28.11
CA SER B 29 -11.22 4.85 -28.32
C SER B 29 -10.75 6.29 -28.14
N GLY B 30 -11.63 7.23 -28.49
CA GLY B 30 -11.22 8.61 -28.57
C GLY B 30 -11.14 9.32 -27.24
N LEU B 31 -11.88 8.85 -26.25
CA LEU B 31 -11.93 9.55 -24.98
C LEU B 31 -10.76 9.23 -24.07
N ILE B 32 -9.87 8.33 -24.48
CA ILE B 32 -8.77 7.90 -23.63
C ILE B 32 -7.75 8.99 -23.45
N TYR B 33 -7.62 9.87 -24.44
CA TYR B 33 -6.49 10.79 -24.44
C TYR B 33 -6.60 11.81 -23.33
N GLU B 34 -7.80 12.35 -23.11
CA GLU B 34 -7.98 13.27 -22.00
C GLU B 34 -7.85 12.56 -20.66
N GLU B 35 -8.22 11.29 -20.60
CA GLU B 35 -8.04 10.51 -19.37
C GLU B 35 -6.58 10.29 -19.06
N THR B 36 -5.78 9.99 -20.09
CA THR B 36 -4.37 9.72 -19.90
C THR B 36 -3.63 10.98 -19.48
N ARG B 37 -4.03 12.12 -20.07
CA ARG B 37 -3.57 13.41 -19.58
C ARG B 37 -3.90 13.59 -18.10
N GLY B 38 -5.15 13.30 -17.72
CA GLY B 38 -5.55 13.52 -16.34
C GLY B 38 -4.86 12.61 -15.35
N VAL B 39 -4.49 11.41 -15.78
CA VAL B 39 -3.80 10.48 -14.89
C VAL B 39 -2.34 10.84 -14.75
N LEU B 40 -1.69 11.14 -15.88
CA LEU B 40 -0.28 11.48 -15.86
C LEU B 40 -0.03 12.78 -15.11
N LYS B 41 -1.00 13.69 -15.16
CA LYS B 41 -0.94 14.92 -14.38
C LYS B 41 -0.79 14.62 -12.89
N VAL B 42 -1.67 13.79 -12.34
CA VAL B 42 -1.64 13.58 -10.90
C VAL B 42 -0.44 12.73 -10.48
N PHE B 43 0.04 11.85 -11.38
CA PHE B 43 1.22 11.05 -11.04
C PHE B 43 2.46 11.93 -10.94
N LEU B 44 2.66 12.82 -11.92
CA LEU B 44 3.77 13.75 -11.84
C LEU B 44 3.62 14.71 -10.68
N GLU B 45 2.38 15.08 -10.33
CA GLU B 45 2.16 15.96 -9.19
C GLU B 45 2.64 15.32 -7.90
N ASN B 46 2.36 14.02 -7.74
CA ASN B 46 2.79 13.34 -6.52
C ASN B 46 4.31 13.23 -6.44
N VAL B 47 4.95 12.88 -7.56
CA VAL B 47 6.39 12.69 -7.47
C VAL B 47 7.11 14.04 -7.33
N ILE B 48 6.56 15.10 -7.92
CA ILE B 48 7.21 16.39 -7.73
C ILE B 48 6.96 16.96 -6.35
N ARG B 49 5.79 16.75 -5.75
CA ARG B 49 5.63 17.26 -4.39
C ARG B 49 6.44 16.46 -3.40
N ASP B 50 6.84 15.24 -3.73
CA ASP B 50 7.81 14.61 -2.85
C ASP B 50 9.22 15.16 -3.08
N ALA B 51 9.62 15.31 -4.33
CA ALA B 51 11.01 15.68 -4.61
C ALA B 51 11.32 17.11 -4.22
N VAL B 52 10.35 18.01 -4.32
CA VAL B 52 10.58 19.40 -3.96
C VAL B 52 10.75 19.53 -2.46
N THR B 53 9.98 18.77 -1.67
CA THR B 53 10.17 18.77 -0.24
C THR B 53 11.51 18.17 0.15
N TYR B 54 11.96 17.14 -0.58
CA TYR B 54 13.33 16.64 -0.41
C TYR B 54 14.37 17.73 -0.64
N THR B 55 14.22 18.50 -1.70
CA THR B 55 15.20 19.56 -1.98
C THR B 55 15.15 20.65 -0.93
N GLU B 56 13.97 21.03 -0.48
CA GLU B 56 13.90 22.12 0.48
C GLU B 56 14.41 21.68 1.84
N HIS B 57 14.31 20.38 2.14
CA HIS B 57 14.99 19.91 3.32
C HIS B 57 16.49 19.88 3.13
N ALA B 58 16.95 19.68 1.90
CA ALA B 58 18.39 19.76 1.66
C ALA B 58 18.88 21.20 1.52
N LYS B 59 17.97 22.18 1.57
CA LYS B 59 18.27 23.61 1.42
C LYS B 59 18.95 23.91 0.09
N ARG B 60 18.36 23.44 -1.00
CA ARG B 60 18.88 23.71 -2.33
C ARG B 60 17.86 24.47 -3.16
N LYS B 61 18.31 24.86 -4.35
CA LYS B 61 17.44 25.44 -5.35
C LYS B 61 17.32 24.58 -6.60
N THR B 62 18.10 23.52 -6.71
CA THR B 62 17.95 22.61 -7.83
C THR B 62 17.39 21.28 -7.35
N VAL B 63 16.83 20.54 -8.30
CA VAL B 63 16.19 19.26 -8.02
C VAL B 63 17.03 18.19 -8.68
N THR B 64 17.50 17.23 -7.92
CA THR B 64 18.47 16.30 -8.44
C THR B 64 17.83 14.95 -8.78
N ALA B 65 18.56 14.19 -9.57
CA ALA B 65 18.10 12.86 -9.95
C ALA B 65 18.00 11.95 -8.76
N MET B 66 18.84 12.15 -7.76
CA MET B 66 18.76 11.30 -6.59
C MET B 66 17.56 11.66 -5.73
N ASP B 67 17.14 12.93 -5.75
CA ASP B 67 15.89 13.31 -5.11
C ASP B 67 14.71 12.67 -5.79
N VAL B 68 14.76 12.59 -7.12
CA VAL B 68 13.69 11.92 -7.84
C VAL B 68 13.67 10.42 -7.54
N VAL B 69 14.85 9.80 -7.47
CA VAL B 69 14.93 8.38 -7.16
C VAL B 69 14.43 8.10 -5.75
N TYR B 70 14.70 9.00 -4.82
CA TYR B 70 14.19 8.84 -3.47
C TYR B 70 12.69 9.00 -3.42
N ALA B 71 12.15 9.98 -4.16
CA ALA B 71 10.71 10.18 -4.20
C ALA B 71 9.99 9.01 -4.84
N LEU B 72 10.63 8.34 -5.79
CA LEU B 72 10.01 7.20 -6.44
C LEU B 72 10.15 5.93 -5.62
N LYS B 73 11.26 5.79 -4.90
CA LYS B 73 11.41 4.70 -3.94
C LYS B 73 10.38 4.81 -2.83
N ARG B 74 10.02 6.04 -2.50
CA ARG B 74 9.02 6.29 -1.47
C ARG B 74 7.65 5.74 -1.86
N GLN B 75 7.26 5.86 -3.11
CA GLN B 75 5.94 5.44 -3.53
C GLN B 75 5.91 4.02 -4.07
N GLY B 76 6.91 3.22 -3.74
CA GLY B 76 6.93 1.85 -4.19
C GLY B 76 7.16 1.70 -5.67
N ARG B 77 7.94 2.60 -6.26
CA ARG B 77 8.20 2.60 -7.69
C ARG B 77 9.68 2.82 -7.92
N THR B 78 10.50 1.95 -7.31
CA THR B 78 11.95 2.10 -7.33
C THR B 78 12.51 2.05 -8.74
N LEU B 79 13.49 2.91 -8.99
CA LEU B 79 14.05 3.10 -10.32
C LEU B 79 15.55 2.87 -10.24
N TYR B 80 16.07 2.06 -11.15
CA TYR B 80 17.49 1.80 -11.20
C TYR B 80 18.12 2.62 -12.31
N GLY B 81 19.43 2.74 -12.27
CA GLY B 81 20.14 3.39 -13.35
C GLY B 81 20.25 4.89 -13.21
N PHE B 82 20.04 5.42 -12.02
CA PHE B 82 20.33 6.82 -11.76
C PHE B 82 21.02 6.95 -10.41
N GLY B 83 21.78 5.93 -10.04
CA GLY B 83 22.47 5.92 -8.77
C GLY B 83 21.77 5.08 -7.73
N LYS C 1 9.84 22.12 40.91
CA LYS C 1 11.09 21.40 41.07
C LYS C 1 11.15 20.19 40.12
N ALA C 2 10.12 19.35 40.15
CA ALA C 2 10.04 18.21 39.25
C ALA C 2 9.93 18.65 37.80
N LYS C 3 8.80 19.27 37.45
CA LYS C 3 8.60 20.02 36.20
C LYS C 3 8.84 19.15 34.95
N THR C 4 7.90 18.24 34.73
CA THR C 4 7.96 17.35 33.57
C THR C 4 7.91 18.13 32.27
N ARG C 5 8.71 17.70 31.30
CA ARG C 5 8.93 18.46 30.09
C ARG C 5 7.75 18.41 29.13
N SER C 6 6.92 17.36 29.20
CA SER C 6 5.70 17.35 28.40
C SER C 6 4.74 18.41 28.89
N SER C 7 4.75 18.68 30.19
CA SER C 7 3.99 19.79 30.71
C SER C 7 4.64 21.12 30.37
N ARG C 8 5.95 21.13 30.15
CA ARG C 8 6.59 22.36 29.69
C ARG C 8 6.17 22.70 28.28
N ALA C 9 6.06 21.69 27.41
CA ALA C 9 5.52 21.96 26.10
C ALA C 9 4.01 22.08 26.10
N GLY C 10 3.35 21.70 27.19
CA GLY C 10 1.90 21.76 27.23
C GLY C 10 1.30 20.67 26.39
N LEU C 11 1.63 19.42 26.69
CA LEU C 11 1.16 18.29 25.93
C LEU C 11 0.56 17.26 26.86
N GLN C 12 0.09 16.18 26.27
CA GLN C 12 -0.24 14.98 27.02
C GLN C 12 0.41 13.72 26.50
N PHE C 13 1.38 13.81 25.60
CA PHE C 13 2.08 12.56 25.35
C PHE C 13 3.45 12.57 26.02
N PRO C 14 4.02 11.41 26.37
CA PRO C 14 5.25 11.42 27.17
C PRO C 14 6.47 11.77 26.35
N VAL C 15 6.98 12.97 26.56
CA VAL C 15 8.13 13.44 25.81
C VAL C 15 9.39 12.66 26.20
N GLY C 16 9.50 12.30 27.48
CA GLY C 16 10.65 11.53 27.91
C GLY C 16 10.64 10.13 27.33
N ARG C 17 9.46 9.51 27.26
CA ARG C 17 9.36 8.18 26.68
C ARG C 17 9.61 8.22 25.18
N VAL C 18 9.14 9.26 24.51
CA VAL C 18 9.39 9.40 23.08
C VAL C 18 10.88 9.64 22.83
N HIS C 19 11.53 10.40 23.71
CA HIS C 19 12.95 10.68 23.53
C HIS C 19 13.78 9.42 23.77
N ARG C 20 13.36 8.61 24.73
CA ARG C 20 14.04 7.34 24.98
C ARG C 20 13.88 6.39 23.80
N LEU C 21 12.67 6.25 23.29
CA LEU C 21 12.46 5.38 22.14
C LEU C 21 13.11 5.90 20.88
N LEU C 22 13.37 7.20 20.79
CA LEU C 22 14.21 7.69 19.71
C LEU C 22 15.66 7.28 19.92
N ARG C 23 16.16 7.40 21.15
CA ARG C 23 17.58 7.16 21.35
C ARG C 23 17.95 5.69 21.26
N LYS C 24 17.04 4.77 21.59
CA LYS C 24 17.39 3.37 21.48
C LYS C 24 16.71 2.67 20.31
N GLY C 25 16.23 3.44 19.33
CA GLY C 25 15.63 2.84 18.17
C GLY C 25 16.56 2.66 17.01
N ASN C 26 17.84 3.03 17.16
CA ASN C 26 18.83 3.09 16.10
C ASN C 26 18.35 3.91 14.92
N TYR C 27 17.75 5.06 15.19
CA TYR C 27 17.38 5.91 14.09
C TYR C 27 18.51 6.81 13.66
N SER C 28 19.25 7.36 14.62
CA SER C 28 20.48 8.07 14.31
C SER C 28 21.41 7.96 15.50
N GLU C 29 22.60 8.51 15.36
CA GLU C 29 23.56 8.54 16.45
C GLU C 29 23.08 9.49 17.53
N ARG C 30 23.03 10.76 17.19
CA ARG C 30 22.50 11.75 18.12
C ARG C 30 21.02 11.94 17.87
N VAL C 31 20.36 12.56 18.84
CA VAL C 31 18.94 12.92 18.73
C VAL C 31 18.80 14.35 19.21
N GLY C 32 18.17 15.20 18.39
CA GLY C 32 18.00 16.59 18.72
C GLY C 32 17.09 16.83 19.91
N ALA C 33 17.09 18.06 20.39
CA ALA C 33 16.36 18.37 21.61
C ALA C 33 14.86 18.51 21.35
N GLY C 34 14.49 19.28 20.35
CA GLY C 34 13.09 19.49 20.05
C GLY C 34 12.43 18.39 19.25
N ALA C 35 13.20 17.37 18.89
CA ALA C 35 12.66 16.25 18.12
C ALA C 35 11.57 15.48 18.85
N PRO C 36 11.73 15.02 20.11
CA PRO C 36 10.61 14.31 20.72
C PRO C 36 9.46 15.21 21.07
N VAL C 37 9.70 16.50 21.24
CA VAL C 37 8.62 17.44 21.47
C VAL C 37 7.73 17.52 20.24
N TYR C 38 8.35 17.72 19.07
CA TYR C 38 7.59 17.83 17.83
C TYR C 38 6.85 16.54 17.54
N LEU C 39 7.51 15.40 17.76
CA LEU C 39 6.87 14.14 17.42
C LEU C 39 5.77 13.80 18.42
N ALA C 40 5.92 14.18 19.68
CA ALA C 40 4.88 13.91 20.65
C ALA C 40 3.64 14.73 20.36
N ALA C 41 3.84 15.98 19.93
CA ALA C 41 2.70 16.81 19.54
C ALA C 41 1.99 16.23 18.33
N VAL C 42 2.74 15.70 17.37
CA VAL C 42 2.14 15.15 16.16
C VAL C 42 1.34 13.89 16.48
N LEU C 43 1.90 13.00 17.31
CA LEU C 43 1.19 11.80 17.71
C LEU C 43 -0.07 12.13 18.49
N GLU C 44 0.01 13.14 19.37
CA GLU C 44 -1.15 13.52 20.16
C GLU C 44 -2.25 14.08 19.29
N TYR C 45 -1.88 14.80 18.25
CA TYR C 45 -2.87 15.32 17.32
C TYR C 45 -3.58 14.23 16.54
N LEU C 46 -2.83 13.22 16.08
CA LEU C 46 -3.46 12.18 15.30
C LEU C 46 -4.42 11.35 16.14
N THR C 47 -4.02 11.05 17.39
CA THR C 47 -4.94 10.38 18.29
C THR C 47 -6.14 11.26 18.60
N ALA C 48 -5.93 12.56 18.71
CA ALA C 48 -7.03 13.48 19.00
C ALA C 48 -8.07 13.46 17.91
N GLU C 49 -7.63 13.46 16.65
CA GLU C 49 -8.62 13.46 15.57
C GLU C 49 -9.35 12.15 15.46
N ILE C 50 -8.64 11.02 15.60
CA ILE C 50 -9.34 9.76 15.44
C ILE C 50 -10.28 9.51 16.62
N LEU C 51 -9.91 9.94 17.82
CA LEU C 51 -10.83 9.79 18.93
C LEU C 51 -12.01 10.72 18.85
N GLU C 52 -11.84 11.90 18.25
CA GLU C 52 -12.98 12.78 18.09
C GLU C 52 -13.99 12.20 17.11
N LEU C 53 -13.50 11.64 16.01
CA LEU C 53 -14.42 11.08 15.04
C LEU C 53 -15.07 9.81 15.55
N ALA C 54 -14.33 9.01 16.32
CA ALA C 54 -14.92 7.82 16.90
C ALA C 54 -15.94 8.15 17.98
N GLY C 55 -15.72 9.25 18.71
CA GLY C 55 -16.73 9.69 19.65
C GLY C 55 -17.99 10.14 18.95
N ASN C 56 -17.85 10.81 17.80
CA ASN C 56 -19.03 11.18 17.04
C ASN C 56 -19.77 9.96 16.52
N ALA C 57 -19.03 8.94 16.08
CA ALA C 57 -19.67 7.74 15.56
C ALA C 57 -20.36 6.96 16.66
N ALA C 58 -19.76 6.90 17.85
CA ALA C 58 -20.39 6.20 18.96
C ALA C 58 -21.62 6.94 19.45
N ARG C 59 -21.56 8.27 19.44
CA ARG C 59 -22.72 9.03 19.86
C ARG C 59 -23.84 8.92 18.84
N ASP C 60 -23.51 8.81 17.55
CA ASP C 60 -24.54 8.65 16.56
C ASP C 60 -25.17 7.27 16.62
N ASN C 61 -24.38 6.24 16.91
CA ASN C 61 -24.99 4.92 17.11
C ASN C 61 -25.45 4.69 18.54
N LYS C 62 -25.63 5.75 19.32
CA LYS C 62 -26.34 5.74 20.60
C LYS C 62 -25.67 4.86 21.65
N LYS C 63 -24.35 4.75 21.60
CA LYS C 63 -23.61 3.93 22.56
C LYS C 63 -22.48 4.77 23.12
N THR C 64 -22.32 4.78 24.44
CA THR C 64 -21.35 5.67 25.07
C THR C 64 -20.01 5.00 25.30
N ARG C 65 -19.70 3.95 24.54
CA ARG C 65 -18.44 3.26 24.74
C ARG C 65 -17.91 2.88 23.37
N ILE C 66 -16.81 3.51 22.96
CA ILE C 66 -16.30 3.33 21.61
C ILE C 66 -15.74 1.93 21.45
N ILE C 67 -16.28 1.20 20.48
CA ILE C 67 -15.96 -0.19 20.21
C ILE C 67 -15.10 -0.06 18.94
N PRO C 68 -14.35 -1.06 18.49
CA PRO C 68 -13.53 -0.85 17.29
C PRO C 68 -14.30 -0.68 16.00
N ARG C 69 -15.58 -1.03 15.94
CA ARG C 69 -16.37 -0.70 14.77
C ARG C 69 -16.49 0.80 14.60
N HIS C 70 -16.53 1.54 15.69
CA HIS C 70 -16.60 2.99 15.57
C HIS C 70 -15.30 3.56 15.06
N LEU C 71 -14.16 2.93 15.35
CA LEU C 71 -12.91 3.36 14.75
C LEU C 71 -12.88 3.05 13.27
N GLN C 72 -13.40 1.89 12.88
CA GLN C 72 -13.47 1.55 11.46
C GLN C 72 -14.32 2.56 10.70
N LEU C 73 -15.48 2.90 11.27
CA LEU C 73 -16.36 3.88 10.64
C LEU C 73 -15.79 5.28 10.68
N ALA C 74 -14.95 5.57 11.67
CA ALA C 74 -14.35 6.89 11.70
C ALA C 74 -13.25 7.00 10.66
N ILE C 75 -12.46 5.95 10.49
CA ILE C 75 -11.32 6.02 9.61
C ILE C 75 -11.76 5.96 8.16
N ARG C 76 -12.61 4.99 7.81
CA ARG C 76 -12.91 4.77 6.40
C ARG C 76 -13.86 5.79 5.81
N ASN C 77 -14.33 6.77 6.57
CA ASN C 77 -15.29 7.75 6.09
C ASN C 77 -14.69 9.11 5.81
N ASP C 78 -13.39 9.29 5.95
CA ASP C 78 -12.80 10.53 5.47
C ASP C 78 -11.53 10.26 4.69
N GLU C 79 -11.28 11.19 3.76
CA GLU C 79 -10.31 10.96 2.69
C GLU C 79 -8.91 10.89 3.23
N GLU C 80 -8.56 11.81 4.13
CA GLU C 80 -7.18 11.92 4.58
C GLU C 80 -6.80 10.75 5.47
N LEU C 81 -7.68 10.36 6.40
CA LEU C 81 -7.35 9.22 7.23
C LEU C 81 -7.45 7.91 6.48
N ASN C 82 -8.32 7.79 5.50
CA ASN C 82 -8.34 6.56 4.74
C ASN C 82 -7.19 6.52 3.74
N LYS C 83 -6.62 7.65 3.40
CA LYS C 83 -5.43 7.64 2.56
C LYS C 83 -4.22 7.30 3.38
N LEU C 84 -4.21 7.74 4.64
CA LEU C 84 -3.10 7.41 5.53
C LEU C 84 -3.10 5.93 5.90
N LEU C 85 -4.23 5.43 6.41
CA LEU C 85 -4.30 4.07 6.91
C LEU C 85 -4.89 3.13 5.87
N GLY C 86 -4.58 3.33 4.60
CA GLY C 86 -5.27 2.61 3.56
C GLY C 86 -4.90 1.17 3.39
N ARG C 87 -3.80 0.73 4.00
CA ARG C 87 -3.41 -0.67 3.95
C ARG C 87 -3.43 -1.30 5.33
N VAL C 88 -4.37 -0.88 6.17
CA VAL C 88 -4.41 -1.23 7.58
C VAL C 88 -5.66 -2.03 7.86
N THR C 89 -5.50 -3.22 8.41
CA THR C 89 -6.62 -4.03 8.85
C THR C 89 -6.87 -3.77 10.33
N ILE C 90 -8.13 -3.68 10.71
CA ILE C 90 -8.53 -3.43 12.09
C ILE C 90 -9.26 -4.65 12.61
N ALA C 91 -8.82 -5.16 13.75
CA ALA C 91 -9.42 -6.35 14.35
C ALA C 91 -10.84 -6.03 14.80
N GLN C 92 -11.77 -6.92 14.46
CA GLN C 92 -13.21 -6.71 14.63
C GLN C 92 -13.63 -5.41 13.97
N GLY C 93 -13.13 -5.16 12.78
CA GLY C 93 -13.36 -3.90 12.13
C GLY C 93 -14.66 -3.87 11.36
N GLY C 94 -14.89 -4.87 10.52
CA GLY C 94 -16.03 -4.82 9.64
C GLY C 94 -15.81 -3.88 8.48
N VAL C 95 -16.81 -3.82 7.62
CA VAL C 95 -16.74 -3.09 6.35
C VAL C 95 -17.80 -2.01 6.38
N LEU C 96 -17.54 -0.91 5.66
CA LEU C 96 -18.57 0.08 5.44
C LEU C 96 -19.75 -0.52 4.68
N PRO C 97 -20.95 -0.10 4.97
CA PRO C 97 -22.09 -0.64 4.24
C PRO C 97 -22.20 -0.10 2.82
N ASN C 98 -21.49 -0.74 1.90
CA ASN C 98 -21.52 -0.33 0.50
C ASN C 98 -22.26 -1.39 -0.30
N ILE C 99 -23.18 -0.92 -1.14
CA ILE C 99 -23.87 -1.77 -2.11
C ILE C 99 -23.82 -1.05 -3.45
N GLN C 100 -23.34 -1.76 -4.47
CA GLN C 100 -23.30 -1.22 -5.82
C GLN C 100 -24.70 -1.00 -6.37
N ALA C 101 -24.87 0.10 -7.10
CA ALA C 101 -26.19 0.56 -7.53
C ALA C 101 -26.83 -0.35 -8.56
N VAL C 102 -26.05 -1.14 -9.28
CA VAL C 102 -26.62 -1.99 -10.32
C VAL C 102 -27.39 -3.14 -9.70
N LEU C 103 -27.01 -3.54 -8.50
CA LEU C 103 -27.65 -4.69 -7.87
C LEU C 103 -28.83 -4.26 -7.01
N LEU C 104 -29.68 -3.39 -7.55
CA LEU C 104 -30.85 -2.90 -6.86
C LEU C 104 -31.97 -3.01 -7.87
N PRO C 105 -32.71 -4.12 -7.86
CA PRO C 105 -33.70 -4.37 -8.92
C PRO C 105 -34.87 -3.40 -8.80
N LYS C 106 -35.17 -2.75 -9.91
CA LYS C 106 -36.25 -1.78 -9.96
C LYS C 106 -37.56 -2.45 -10.30
N CYS C 107 -38.65 -1.87 -9.78
CA CYS C 107 -40.04 -2.29 -9.99
C CYS C 107 -40.30 -3.74 -9.57
N LYS D 1 2.54 -2.26 30.30
CA LYS D 1 4.00 -2.31 30.32
C LYS D 1 4.56 -2.69 28.95
N GLU D 2 4.86 -1.70 28.11
CA GLU D 2 4.54 -0.29 28.34
C GLU D 2 3.66 0.20 27.21
N SER D 3 2.60 0.91 27.53
CA SER D 3 1.61 1.31 26.55
C SER D 3 1.46 2.82 26.54
N TYR D 4 0.65 3.30 25.61
CA TYR D 4 0.24 4.68 25.54
C TYR D 4 -1.16 4.88 26.05
N SER D 5 -1.70 3.89 26.77
CA SER D 5 -3.13 3.81 27.02
C SER D 5 -3.61 4.93 27.93
N VAL D 6 -2.78 5.28 28.91
CA VAL D 6 -3.10 6.36 29.83
C VAL D 6 -3.22 7.67 29.08
N TYR D 7 -2.35 7.86 28.11
CA TYR D 7 -2.29 9.12 27.40
C TYR D 7 -3.44 9.23 26.41
N VAL D 8 -3.77 8.10 25.78
CA VAL D 8 -4.93 8.06 24.89
C VAL D 8 -6.19 8.33 25.67
N TYR D 9 -6.27 7.81 26.89
CA TYR D 9 -7.46 8.02 27.71
C TYR D 9 -7.57 9.46 28.17
N LYS D 10 -6.43 10.10 28.45
CA LYS D 10 -6.44 11.52 28.79
C LYS D 10 -6.92 12.37 27.63
N VAL D 11 -6.43 12.08 26.43
CA VAL D 11 -6.88 12.81 25.25
C VAL D 11 -8.35 12.56 24.98
N LEU D 12 -8.82 11.35 25.28
CA LEU D 12 -10.22 11.01 25.11
C LEU D 12 -11.10 11.81 26.06
N LYS D 13 -10.70 11.94 27.32
CA LYS D 13 -11.48 12.76 28.24
C LYS D 13 -11.41 14.23 27.89
N GLN D 14 -10.32 14.64 27.26
CA GLN D 14 -10.20 16.03 26.85
C GLN D 14 -11.07 16.33 25.64
N VAL D 15 -11.32 15.35 24.78
CA VAL D 15 -12.13 15.60 23.59
C VAL D 15 -13.61 15.32 23.85
N HIS D 16 -13.94 14.07 24.15
CA HIS D 16 -15.30 13.70 24.48
C HIS D 16 -15.34 13.37 25.96
N PRO D 17 -15.76 14.28 26.82
CA PRO D 17 -15.68 14.05 28.26
C PRO D 17 -16.73 13.12 28.82
N ASP D 18 -17.46 12.39 28.00
CA ASP D 18 -18.48 11.48 28.48
C ASP D 18 -18.25 10.04 28.09
N THR D 19 -17.51 9.77 27.03
CA THR D 19 -17.46 8.44 26.45
C THR D 19 -16.35 7.60 27.06
N GLY D 20 -16.24 6.37 26.59
CA GLY D 20 -15.14 5.51 26.97
C GLY D 20 -14.80 4.59 25.82
N ILE D 21 -13.70 3.89 25.96
CA ILE D 21 -13.34 2.91 24.94
C ILE D 21 -13.12 1.57 25.62
N SER D 22 -13.50 0.51 24.91
CA SER D 22 -13.21 -0.81 25.41
C SER D 22 -11.73 -1.12 25.22
N SER D 23 -11.33 -2.26 25.78
CA SER D 23 -9.91 -2.60 25.77
C SER D 23 -9.44 -2.97 24.38
N LYS D 24 -10.32 -3.54 23.56
CA LYS D 24 -9.94 -3.79 22.18
C LYS D 24 -9.73 -2.50 21.41
N ALA D 25 -10.55 -1.49 21.68
CA ALA D 25 -10.32 -0.20 21.06
C ALA D 25 -9.05 0.46 21.56
N MET D 26 -8.74 0.27 22.83
CA MET D 26 -7.49 0.81 23.36
C MET D 26 -6.29 0.10 22.75
N GLY D 27 -6.39 -1.20 22.53
CA GLY D 27 -5.32 -1.92 21.87
C GLY D 27 -5.10 -1.48 20.44
N ILE D 28 -6.19 -1.22 19.73
CA ILE D 28 -6.06 -0.73 18.37
C ILE D 28 -5.45 0.66 18.33
N MET D 29 -5.85 1.54 19.26
CA MET D 29 -5.23 2.87 19.28
C MET D 29 -3.77 2.80 19.69
N ASN D 30 -3.42 1.85 20.54
CA ASN D 30 -2.03 1.68 20.93
C ASN D 30 -1.19 1.21 19.74
N SER D 31 -1.71 0.25 18.97
CA SER D 31 -1.01 -0.21 17.78
C SER D 31 -0.89 0.88 16.74
N PHE D 32 -1.93 1.72 16.64
CA PHE D 32 -1.90 2.90 15.78
C PHE D 32 -0.77 3.85 16.14
N VAL D 33 -0.63 4.15 17.43
CA VAL D 33 0.41 5.08 17.87
C VAL D 33 1.79 4.52 17.58
N ASN D 34 1.99 3.23 17.85
CA ASN D 34 3.28 2.60 17.59
C ASN D 34 3.61 2.63 16.10
N ASP D 35 2.61 2.42 15.26
CA ASP D 35 2.84 2.37 13.82
C ASP D 35 3.24 3.72 13.27
N ILE D 36 2.53 4.78 13.67
CA ILE D 36 2.88 6.08 13.12
C ILE D 36 4.17 6.59 13.72
N PHE D 37 4.48 6.18 14.96
CA PHE D 37 5.78 6.47 15.53
C PHE D 37 6.91 5.90 14.70
N GLU D 38 6.81 4.62 14.36
CA GLU D 38 7.92 4.01 13.64
C GLU D 38 7.96 4.47 12.19
N ARG D 39 6.83 4.85 11.60
CA ARG D 39 6.84 5.43 10.26
C ARG D 39 7.58 6.75 10.22
N ILE D 40 7.22 7.66 11.13
CA ILE D 40 7.83 8.99 11.09
C ILE D 40 9.30 8.93 11.48
N ALA D 41 9.64 8.06 12.43
CA ALA D 41 11.05 7.96 12.81
C ALA D 41 11.86 7.30 11.70
N GLY D 42 11.28 6.32 11.01
CA GLY D 42 11.97 5.73 9.88
C GLY D 42 12.14 6.67 8.71
N GLU D 43 11.24 7.64 8.55
CA GLU D 43 11.46 8.58 7.48
C GLU D 43 12.48 9.64 7.87
N ALA D 44 12.47 10.09 9.12
CA ALA D 44 13.44 11.11 9.53
C ALA D 44 14.84 10.54 9.57
N SER D 45 14.98 9.26 9.89
CA SER D 45 16.28 8.59 9.86
C SER D 45 16.89 8.63 8.48
N ARG D 46 16.14 8.24 7.47
CA ARG D 46 16.71 8.22 6.13
C ARG D 46 16.81 9.61 5.54
N LEU D 47 16.06 10.59 6.03
CA LEU D 47 16.38 11.97 5.66
C LEU D 47 17.75 12.38 6.15
N ALA D 48 18.07 12.02 7.40
CA ALA D 48 19.39 12.31 7.93
C ALA D 48 20.48 11.54 7.20
N HIS D 49 20.19 10.32 6.76
CA HIS D 49 21.21 9.60 6.02
C HIS D 49 21.35 10.09 4.60
N TYR D 50 20.31 10.66 4.01
CA TYR D 50 20.47 11.27 2.69
C TYR D 50 21.35 12.49 2.80
N ASN D 51 21.05 13.36 3.75
CA ASN D 51 21.74 14.64 3.82
C ASN D 51 23.02 14.58 4.63
N LYS D 52 23.52 13.38 4.93
CA LYS D 52 24.84 13.15 5.52
C LYS D 52 24.99 13.81 6.88
N ARG D 53 23.90 13.91 7.62
CA ARG D 53 23.95 14.43 8.97
C ARG D 53 23.76 13.30 9.94
N SER D 54 23.87 13.62 11.22
CA SER D 54 23.80 12.56 12.22
C SER D 54 22.96 12.97 13.42
N THR D 55 22.14 14.00 13.31
CA THR D 55 21.23 14.41 14.36
C THR D 55 19.83 14.51 13.78
N ILE D 56 18.90 13.73 14.32
CA ILE D 56 17.50 13.89 13.98
C ILE D 56 16.93 15.03 14.80
N THR D 57 16.51 16.09 14.13
CA THR D 57 16.01 17.28 14.80
C THR D 57 14.57 17.53 14.39
N SER D 58 14.07 18.69 14.82
CA SER D 58 12.70 19.07 14.53
C SER D 58 12.49 19.35 13.06
N ARG D 59 13.50 19.85 12.36
CA ARG D 59 13.39 20.06 10.92
C ARG D 59 13.24 18.74 10.20
N GLU D 60 13.99 17.73 10.63
CA GLU D 60 13.92 16.40 10.03
C GLU D 60 12.54 15.81 10.23
N ILE D 61 12.01 15.93 11.45
CA ILE D 61 10.69 15.39 11.72
C ILE D 61 9.60 16.19 11.00
N GLN D 62 9.81 17.49 10.81
CA GLN D 62 8.82 18.29 10.10
C GLN D 62 8.73 17.88 8.64
N THR D 63 9.87 17.68 8.00
CA THR D 63 9.80 17.24 6.61
C THR D 63 9.32 15.81 6.49
N ALA D 64 9.59 14.97 7.49
CA ALA D 64 9.07 13.61 7.42
C ALA D 64 7.57 13.57 7.61
N VAL D 65 7.05 14.42 8.51
CA VAL D 65 5.61 14.54 8.69
C VAL D 65 4.97 15.08 7.43
N ARG D 66 5.60 16.05 6.80
CA ARG D 66 5.03 16.63 5.59
C ARG D 66 5.06 15.63 4.43
N LEU D 67 6.00 14.70 4.43
CA LEU D 67 5.93 13.62 3.47
C LEU D 67 4.81 12.64 3.79
N LEU D 68 4.71 12.21 5.05
CA LEU D 68 3.82 11.10 5.35
C LEU D 68 2.35 11.49 5.43
N LEU D 69 2.05 12.57 6.02
CA LEU D 69 0.65 12.82 6.26
C LEU D 69 0.04 13.55 5.07
N PRO D 70 -1.07 13.07 4.53
CA PRO D 70 -1.64 13.67 3.33
C PRO D 70 -2.62 14.77 3.64
N GLY D 71 -2.78 15.66 2.67
CA GLY D 71 -3.85 16.65 2.73
C GLY D 71 -3.59 17.70 3.78
N GLU D 72 -4.62 18.00 4.55
CA GLU D 72 -4.54 19.01 5.59
C GLU D 72 -4.05 18.46 6.92
N LEU D 73 -3.85 17.14 7.00
CA LEU D 73 -3.27 16.57 8.20
C LEU D 73 -1.84 17.04 8.38
N ALA D 74 -1.12 17.18 7.29
CA ALA D 74 0.21 17.77 7.36
C ALA D 74 0.16 19.23 7.78
N LYS D 75 -0.79 19.99 7.23
CA LYS D 75 -0.85 21.41 7.53
C LYS D 75 -1.27 21.67 8.96
N HIS D 76 -2.02 20.78 9.58
CA HIS D 76 -2.27 20.96 10.99
C HIS D 76 -1.15 20.43 11.86
N ALA D 77 -0.57 19.28 11.47
CA ALA D 77 0.43 18.63 12.31
C ALA D 77 1.70 19.46 12.40
N VAL D 78 2.08 20.08 11.28
CA VAL D 78 3.19 21.03 11.26
C VAL D 78 2.91 22.19 12.20
N SER D 79 1.65 22.65 12.23
CA SER D 79 1.31 23.83 12.99
C SER D 79 1.46 23.61 14.48
N GLU D 80 0.82 22.57 15.02
CA GLU D 80 0.98 22.40 16.46
C GLU D 80 2.33 21.77 16.82
N GLY D 81 3.01 21.16 15.86
CA GLY D 81 4.38 20.76 16.12
C GLY D 81 5.26 21.96 16.41
N THR D 82 5.16 23.00 15.59
CA THR D 82 5.92 24.20 15.87
C THR D 82 5.42 24.93 17.10
N LYS D 83 4.10 24.85 17.36
CA LYS D 83 3.58 25.45 18.59
C LYS D 83 4.17 24.80 19.82
N ALA D 84 4.24 23.47 19.82
CA ALA D 84 4.79 22.76 20.97
C ALA D 84 6.28 22.99 21.10
N VAL D 85 6.99 23.13 19.99
CA VAL D 85 8.43 23.37 20.09
C VAL D 85 8.70 24.76 20.64
N THR D 86 7.95 25.77 20.19
CA THR D 86 8.14 27.11 20.72
C THR D 86 7.74 27.21 22.18
N LYS D 87 6.64 26.56 22.57
CA LYS D 87 6.23 26.58 23.96
C LYS D 87 7.22 25.81 24.82
N TYR D 88 7.88 24.81 24.26
CA TYR D 88 8.90 24.12 25.04
C TYR D 88 10.17 24.96 25.16
N THR D 89 10.52 25.69 24.12
CA THR D 89 11.76 26.47 24.19
C THR D 89 11.60 27.69 25.05
N SER D 90 10.38 28.20 25.21
CA SER D 90 10.20 29.37 26.07
C SER D 90 10.44 29.03 27.53
N ALA D 91 10.05 27.83 27.95
CA ALA D 91 10.26 27.41 29.33
C ALA D 91 11.65 26.82 29.52
N HIS E 2 -46.10 -16.12 1.48
CA HIS E 2 -45.56 -16.08 0.14
C HIS E 2 -44.19 -16.72 0.08
N ARG E 3 -43.50 -16.50 -1.04
CA ARG E 3 -42.11 -16.88 -1.22
C ARG E 3 -41.38 -15.67 -1.80
N TYR E 4 -40.21 -15.37 -1.26
CA TYR E 4 -39.47 -14.18 -1.70
C TYR E 4 -38.93 -14.37 -3.10
N ARG E 5 -38.93 -13.28 -3.87
CA ARG E 5 -38.32 -13.29 -5.18
C ARG E 5 -36.81 -13.47 -5.05
N PRO E 6 -36.17 -14.18 -5.97
CA PRO E 6 -34.73 -14.43 -5.85
C PRO E 6 -33.92 -13.17 -6.05
N GLY E 7 -33.03 -12.89 -5.10
CA GLY E 7 -32.24 -11.68 -5.06
C GLY E 7 -32.55 -10.81 -3.85
N THR E 8 -33.80 -10.84 -3.39
CA THR E 8 -34.19 -10.00 -2.26
C THR E 8 -33.55 -10.50 -0.98
N VAL E 9 -33.53 -11.82 -0.79
CA VAL E 9 -32.89 -12.40 0.38
C VAL E 9 -31.39 -12.17 0.33
N ALA E 10 -30.82 -12.18 -0.88
CA ALA E 10 -29.40 -11.90 -1.03
C ALA E 10 -29.07 -10.46 -0.67
N LEU E 11 -29.94 -9.53 -1.05
CA LEU E 11 -29.73 -8.15 -0.65
C LEU E 11 -29.87 -7.98 0.86
N ARG E 12 -30.81 -8.71 1.46
CA ARG E 12 -30.92 -8.67 2.91
C ARG E 12 -29.70 -9.27 3.59
N GLU E 13 -29.10 -10.27 2.99
CA GLU E 13 -27.88 -10.85 3.55
C GLU E 13 -26.72 -9.90 3.47
N ILE E 14 -26.64 -9.14 2.38
CA ILE E 14 -25.59 -8.12 2.29
C ILE E 14 -25.81 -7.05 3.34
N ARG E 15 -27.07 -6.65 3.54
CA ARG E 15 -27.38 -5.69 4.60
C ARG E 15 -27.05 -6.22 5.98
N ARG E 16 -27.17 -7.53 6.19
CA ARG E 16 -26.83 -8.07 7.49
C ARG E 16 -25.33 -8.17 7.67
N TYR E 17 -24.66 -8.89 6.79
CA TYR E 17 -23.25 -9.18 6.97
C TYR E 17 -22.34 -8.01 6.65
N GLN E 18 -22.87 -6.87 6.21
CA GLN E 18 -22.05 -5.68 6.28
C GLN E 18 -22.31 -4.89 7.53
N LYS E 19 -23.40 -5.16 8.23
CA LYS E 19 -23.61 -4.49 9.50
C LYS E 19 -22.85 -5.20 10.60
N SER E 20 -22.79 -6.53 10.55
CA SER E 20 -22.11 -7.29 11.59
C SER E 20 -20.60 -7.16 11.45
N THR E 21 -19.89 -7.59 12.49
CA THR E 21 -18.44 -7.54 12.53
C THR E 21 -17.80 -8.86 12.92
N GLU E 22 -18.58 -9.93 13.04
CA GLU E 22 -18.08 -11.15 13.65
C GLU E 22 -17.39 -12.02 12.62
N LEU E 23 -16.82 -13.14 13.07
CA LEU E 23 -15.98 -13.97 12.23
C LEU E 23 -16.84 -14.93 11.43
N LEU E 24 -16.73 -14.86 10.13
CA LEU E 24 -17.65 -15.56 9.25
C LEU E 24 -17.19 -16.96 8.92
N ILE E 25 -16.06 -17.40 9.44
CA ILE E 25 -15.55 -18.75 9.21
C ILE E 25 -15.51 -19.46 10.55
N ARG E 26 -15.89 -20.73 10.55
CA ARG E 26 -15.93 -21.50 11.79
C ARG E 26 -14.53 -21.76 12.33
N LYS E 27 -14.38 -21.57 13.64
CA LYS E 27 -13.07 -21.39 14.23
C LYS E 27 -12.29 -22.69 14.31
N LEU E 28 -12.93 -23.78 14.68
CA LEU E 28 -12.22 -25.06 14.73
C LEU E 28 -11.76 -25.61 13.39
N PRO E 29 -12.56 -25.61 12.31
CA PRO E 29 -11.97 -26.04 11.04
C PRO E 29 -10.94 -25.07 10.52
N PHE E 30 -11.08 -23.78 10.84
CA PHE E 30 -9.99 -22.88 10.47
C PHE E 30 -8.72 -23.20 11.25
N GLN E 31 -8.84 -23.57 12.52
CA GLN E 31 -7.65 -23.92 13.29
C GLN E 31 -6.98 -25.15 12.75
N ARG E 32 -7.76 -26.15 12.39
CA ARG E 32 -7.17 -27.38 11.89
C ARG E 32 -6.51 -27.15 10.54
N LEU E 33 -7.07 -26.27 9.73
CA LEU E 33 -6.42 -25.88 8.47
C LEU E 33 -5.09 -25.18 8.72
N VAL E 34 -5.06 -24.25 9.67
CA VAL E 34 -3.82 -23.56 10.01
C VAL E 34 -2.76 -24.54 10.51
N ARG E 35 -3.16 -25.47 11.37
CA ARG E 35 -2.21 -26.43 11.91
C ARG E 35 -1.71 -27.39 10.84
N GLU E 36 -2.54 -27.75 9.86
CA GLU E 36 -2.02 -28.66 8.86
C GLU E 36 -1.26 -27.96 7.76
N ILE E 37 -1.48 -26.67 7.54
CA ILE E 37 -0.59 -25.91 6.67
C ILE E 37 0.77 -25.77 7.32
N ALA E 38 0.79 -25.32 8.57
CA ALA E 38 2.04 -25.18 9.30
C ALA E 38 2.69 -26.50 9.64
N GLN E 39 1.98 -27.62 9.46
CA GLN E 39 2.56 -28.93 9.66
C GLN E 39 3.68 -29.20 8.66
N ASP E 40 3.60 -28.63 7.47
CA ASP E 40 4.54 -28.96 6.43
C ASP E 40 5.89 -28.27 6.61
N PHE E 41 5.89 -27.04 7.12
CA PHE E 41 7.14 -26.32 7.29
C PHE E 41 7.95 -26.89 8.43
N LYS E 42 7.44 -26.79 9.64
CA LYS E 42 8.09 -27.35 10.82
C LYS E 42 7.11 -28.29 11.50
N THR E 43 7.54 -29.52 11.73
CA THR E 43 6.69 -30.44 12.43
C THR E 43 6.67 -30.10 13.92
N ASP E 44 5.51 -30.35 14.53
CA ASP E 44 5.28 -30.25 15.97
C ASP E 44 5.52 -28.81 16.48
N LEU E 45 4.67 -27.91 15.99
CA LEU E 45 4.60 -26.56 16.49
C LEU E 45 3.53 -26.43 17.56
N ARG E 46 3.42 -25.23 18.13
CA ARG E 46 2.36 -24.87 19.04
C ARG E 46 1.88 -23.50 18.64
N PHE E 47 0.68 -23.14 19.07
CA PHE E 47 0.06 -21.91 18.62
C PHE E 47 -0.56 -21.16 19.78
N GLN E 48 -0.23 -19.88 19.91
CA GLN E 48 -1.05 -19.02 20.73
C GLN E 48 -2.40 -18.83 20.05
N SER E 49 -3.45 -18.85 20.87
CA SER E 49 -4.79 -18.71 20.34
C SER E 49 -5.01 -17.33 19.75
N SER E 50 -4.36 -16.32 20.31
CA SER E 50 -4.42 -15.00 19.69
C SER E 50 -3.73 -14.97 18.35
N ALA E 51 -2.71 -15.81 18.13
CA ALA E 51 -2.09 -15.87 16.82
C ALA E 51 -3.01 -16.52 15.81
N VAL E 52 -3.74 -17.56 16.23
CA VAL E 52 -4.68 -18.17 15.30
C VAL E 52 -5.84 -17.22 15.02
N MET E 53 -6.24 -16.43 16.01
CA MET E 53 -7.26 -15.41 15.76
C MET E 53 -6.78 -14.31 14.85
N ALA E 54 -5.49 -13.96 14.94
CA ALA E 54 -4.94 -12.97 14.02
C ALA E 54 -4.94 -13.49 12.59
N LEU E 55 -4.60 -14.77 12.41
CA LEU E 55 -4.66 -15.35 11.08
C LEU E 55 -6.09 -15.39 10.55
N GLN E 56 -7.04 -15.67 11.44
CA GLN E 56 -8.46 -15.66 11.11
C GLN E 56 -8.89 -14.33 10.55
N GLU E 57 -8.61 -13.25 11.28
CA GLU E 57 -9.08 -11.95 10.85
C GLU E 57 -8.35 -11.44 9.62
N ALA E 58 -7.07 -11.76 9.50
CA ALA E 58 -6.31 -11.33 8.33
C ALA E 58 -6.82 -12.01 7.07
N SER E 59 -7.03 -13.32 7.12
CA SER E 59 -7.47 -14.03 5.93
C SER E 59 -8.91 -13.67 5.57
N GLU E 60 -9.77 -13.40 6.56
CA GLU E 60 -11.12 -12.98 6.23
C GLU E 60 -11.13 -11.60 5.59
N ALA E 61 -10.32 -10.67 6.11
CA ALA E 61 -10.27 -9.33 5.52
C ALA E 61 -9.67 -9.35 4.13
N TYR E 62 -8.69 -10.23 3.90
CA TYR E 62 -8.14 -10.41 2.56
C TYR E 62 -9.21 -10.89 1.58
N LEU E 63 -9.99 -11.89 2.00
CA LEU E 63 -11.02 -12.39 1.08
C LEU E 63 -12.13 -11.39 0.85
N VAL E 64 -12.43 -10.55 1.84
CA VAL E 64 -13.42 -9.51 1.63
C VAL E 64 -12.92 -8.48 0.62
N GLY E 65 -11.63 -8.13 0.70
CA GLY E 65 -11.04 -7.27 -0.33
C GLY E 65 -11.11 -7.85 -1.72
N LEU E 66 -10.83 -9.15 -1.85
CA LEU E 66 -10.98 -9.81 -3.15
C LEU E 66 -12.40 -9.83 -3.64
N PHE E 67 -13.36 -10.05 -2.75
CA PHE E 67 -14.71 -10.16 -3.27
C PHE E 67 -15.27 -8.81 -3.65
N GLU E 68 -14.81 -7.74 -3.02
CA GLU E 68 -15.19 -6.42 -3.50
C GLU E 68 -14.58 -6.13 -4.87
N ASP E 69 -13.31 -6.48 -5.07
CA ASP E 69 -12.70 -6.23 -6.37
C ASP E 69 -13.29 -7.13 -7.46
N THR E 70 -13.61 -8.37 -7.12
CA THR E 70 -14.24 -9.28 -8.05
C THR E 70 -15.63 -8.83 -8.42
N ASN E 71 -16.33 -8.22 -7.47
CA ASN E 71 -17.64 -7.67 -7.77
C ASN E 71 -17.53 -6.50 -8.74
N LEU E 72 -16.48 -5.68 -8.58
CA LEU E 72 -16.25 -4.62 -9.55
C LEU E 72 -15.96 -5.18 -10.94
N SER E 73 -15.18 -6.24 -11.02
CA SER E 73 -14.85 -6.82 -12.33
C SER E 73 -16.08 -7.43 -12.99
N ALA E 74 -16.96 -8.03 -12.19
CA ALA E 74 -18.14 -8.65 -12.77
C ALA E 74 -19.16 -7.61 -13.22
N ILE E 75 -19.27 -6.50 -12.50
CA ILE E 75 -20.13 -5.42 -12.96
C ILE E 75 -19.54 -4.78 -14.20
N HIS E 76 -18.21 -4.75 -14.29
CA HIS E 76 -17.57 -4.27 -15.50
C HIS E 76 -17.87 -5.15 -16.69
N ALA E 77 -18.03 -6.45 -16.48
CA ALA E 77 -18.34 -7.36 -17.57
C ALA E 77 -19.83 -7.48 -17.84
N LYS E 78 -20.63 -6.50 -17.42
CA LYS E 78 -22.08 -6.44 -17.63
C LYS E 78 -22.83 -7.61 -17.02
N ARG E 79 -22.25 -8.30 -16.04
CA ARG E 79 -22.88 -9.43 -15.41
C ARG E 79 -23.26 -9.10 -13.98
N VAL E 80 -23.86 -10.08 -13.32
CA VAL E 80 -24.16 -10.02 -11.90
C VAL E 80 -23.47 -11.15 -11.14
N THR E 81 -23.47 -12.35 -11.71
CA THR E 81 -22.70 -13.45 -11.15
C THR E 81 -21.21 -13.15 -11.23
N ILE E 82 -20.53 -13.26 -10.11
CA ILE E 82 -19.09 -13.29 -10.16
C ILE E 82 -18.63 -14.67 -10.61
N MET E 83 -17.42 -14.73 -11.14
CA MET E 83 -16.91 -15.92 -11.79
C MET E 83 -15.43 -16.06 -11.48
N PRO E 84 -14.88 -17.28 -11.60
CA PRO E 84 -13.44 -17.45 -11.41
C PRO E 84 -12.59 -16.67 -12.39
N LYS E 85 -13.11 -16.41 -13.60
CA LYS E 85 -12.55 -15.41 -14.51
C LYS E 85 -12.34 -14.09 -13.79
N ASP E 86 -13.36 -13.64 -13.06
CA ASP E 86 -13.32 -12.33 -12.44
C ASP E 86 -12.33 -12.31 -11.29
N ILE E 87 -12.27 -13.40 -10.54
CA ILE E 87 -11.29 -13.51 -9.45
C ILE E 87 -9.87 -13.45 -10.00
N GLN E 88 -9.60 -14.24 -11.03
CA GLN E 88 -8.26 -14.31 -11.60
C GLN E 88 -7.82 -12.98 -12.18
N LEU E 89 -8.74 -12.27 -12.84
CA LEU E 89 -8.43 -10.94 -13.33
C LEU E 89 -8.17 -9.97 -12.19
N ALA E 90 -8.99 -10.04 -11.14
CA ALA E 90 -8.89 -9.09 -10.04
C ALA E 90 -7.55 -9.18 -9.35
N ARG E 91 -7.12 -10.39 -9.05
CA ARG E 91 -5.82 -10.51 -8.42
C ARG E 91 -4.67 -10.40 -9.40
N ARG E 92 -4.89 -10.57 -10.69
CA ARG E 92 -3.78 -10.34 -11.61
C ARG E 92 -3.51 -8.86 -11.77
N ILE E 93 -4.56 -8.05 -11.80
CA ILE E 93 -4.38 -6.60 -11.79
C ILE E 93 -3.80 -6.15 -10.46
N ARG E 94 -4.28 -6.77 -9.38
CA ARG E 94 -3.82 -6.44 -8.03
C ARG E 94 -2.35 -6.73 -7.85
N GLY E 95 -1.83 -7.75 -8.53
CA GLY E 95 -0.41 -7.98 -8.53
C GLY E 95 -0.01 -9.30 -7.92
N GLU E 96 -0.82 -10.32 -8.12
CA GLU E 96 -0.61 -11.58 -7.42
C GLU E 96 -0.51 -12.74 -8.38
N VAL F 1 -0.32 -35.64 9.67
CA VAL F 1 -1.34 -36.28 10.49
C VAL F 1 -2.71 -35.98 9.89
N LEU F 2 -2.87 -34.79 9.33
CA LEU F 2 -4.17 -34.24 9.01
C LEU F 2 -4.49 -34.37 7.53
N ARG F 3 -5.75 -34.65 7.23
CA ARG F 3 -6.24 -34.98 5.90
C ARG F 3 -6.73 -33.71 5.22
N ASP F 4 -7.56 -33.86 4.16
CA ASP F 4 -8.19 -32.74 3.49
C ASP F 4 -8.93 -31.88 4.49
N ASN F 5 -8.40 -30.69 4.68
CA ASN F 5 -8.83 -29.87 5.78
C ASN F 5 -9.26 -28.52 5.30
N ILE F 6 -9.03 -28.21 4.03
CA ILE F 6 -9.53 -27.01 3.41
C ILE F 6 -11.03 -27.12 3.17
N GLN F 7 -11.59 -28.32 3.21
CA GLN F 7 -13.02 -28.50 3.09
C GLN F 7 -13.77 -28.04 4.32
N GLY F 8 -13.07 -27.79 5.42
CA GLY F 8 -13.70 -27.11 6.53
C GLY F 8 -14.08 -25.68 6.21
N ILE F 9 -13.40 -25.07 5.25
CA ILE F 9 -13.88 -23.81 4.70
C ILE F 9 -15.10 -24.16 3.87
N THR F 10 -16.27 -23.86 4.40
CA THR F 10 -17.48 -24.37 3.79
C THR F 10 -18.07 -23.38 2.81
N LYS F 11 -18.89 -23.93 1.92
CA LYS F 11 -19.66 -23.16 0.94
C LYS F 11 -20.50 -22.04 1.53
N PRO F 12 -21.26 -22.20 2.63
CA PRO F 12 -21.94 -21.03 3.17
C PRO F 12 -21.02 -20.04 3.83
N ALA F 13 -19.83 -20.45 4.29
CA ALA F 13 -18.89 -19.48 4.82
C ALA F 13 -18.33 -18.60 3.71
N ILE F 14 -18.03 -19.20 2.56
CA ILE F 14 -17.61 -18.41 1.41
C ILE F 14 -18.74 -17.54 0.92
N ARG F 15 -19.97 -18.02 1.05
CA ARG F 15 -21.12 -17.19 0.71
C ARG F 15 -21.24 -16.00 1.64
N ARG F 16 -20.97 -16.18 2.94
CA ARG F 16 -21.03 -15.04 3.85
C ARG F 16 -19.92 -14.04 3.56
N LEU F 17 -18.73 -14.55 3.19
CA LEU F 17 -17.64 -13.66 2.83
C LEU F 17 -17.98 -12.83 1.62
N ALA F 18 -18.61 -13.44 0.61
CA ALA F 18 -19.00 -12.67 -0.56
C ALA F 18 -20.15 -11.73 -0.25
N ARG F 19 -21.06 -12.11 0.66
CA ARG F 19 -22.14 -11.22 1.01
C ARG F 19 -21.64 -10.01 1.77
N ARG F 20 -20.58 -10.17 2.56
CA ARG F 20 -19.96 -8.99 3.14
C ARG F 20 -19.21 -8.22 2.07
N GLY F 21 -18.66 -8.91 1.08
CA GLY F 21 -18.01 -8.22 -0.02
C GLY F 21 -18.95 -7.41 -0.87
N GLY F 22 -20.24 -7.72 -0.84
CA GLY F 22 -21.21 -6.99 -1.61
C GLY F 22 -21.69 -7.72 -2.83
N VAL F 23 -21.59 -9.03 -2.84
CA VAL F 23 -21.87 -9.84 -4.02
C VAL F 23 -23.30 -10.34 -3.93
N LYS F 24 -24.06 -10.12 -5.00
CA LYS F 24 -25.45 -10.52 -4.95
C LYS F 24 -25.65 -11.95 -5.41
N ARG F 25 -24.88 -12.37 -6.40
CA ARG F 25 -25.09 -13.70 -6.96
C ARG F 25 -23.74 -14.32 -7.31
N ILE F 26 -23.56 -15.58 -6.93
CA ILE F 26 -22.26 -16.25 -6.93
C ILE F 26 -22.37 -17.48 -7.81
N SER F 27 -21.41 -17.65 -8.72
CA SER F 27 -21.43 -18.87 -9.49
C SER F 27 -20.85 -20.01 -8.65
N GLY F 28 -21.08 -21.23 -9.13
CA GLY F 28 -20.73 -22.39 -8.34
C GLY F 28 -19.29 -22.86 -8.47
N LEU F 29 -18.52 -22.27 -9.36
CA LEU F 29 -17.12 -22.65 -9.52
C LEU F 29 -16.20 -21.87 -8.61
N ILE F 30 -16.74 -20.94 -7.83
CA ILE F 30 -15.91 -20.09 -7.00
C ILE F 30 -15.46 -20.78 -5.73
N TYR F 31 -16.20 -21.79 -5.31
CA TYR F 31 -15.88 -22.43 -4.05
C TYR F 31 -14.60 -23.23 -4.14
N GLU F 32 -14.28 -23.77 -5.30
CA GLU F 32 -12.99 -24.39 -5.47
C GLU F 32 -11.89 -23.38 -5.71
N GLU F 33 -12.23 -22.18 -6.13
CA GLU F 33 -11.22 -21.18 -6.45
C GLU F 33 -10.73 -20.46 -5.21
N THR F 34 -11.65 -20.08 -4.33
CA THR F 34 -11.25 -19.33 -3.15
C THR F 34 -10.57 -20.21 -2.12
N ARG F 35 -10.77 -21.52 -2.18
CA ARG F 35 -9.97 -22.41 -1.34
C ARG F 35 -8.52 -22.39 -1.78
N GLY F 36 -8.26 -22.32 -3.08
CA GLY F 36 -6.90 -22.16 -3.55
C GLY F 36 -6.32 -20.82 -3.20
N VAL F 37 -7.16 -19.79 -3.19
CA VAL F 37 -6.69 -18.46 -2.79
C VAL F 37 -6.30 -18.45 -1.32
N LEU F 38 -7.13 -19.04 -0.45
CA LEU F 38 -6.77 -19.18 0.95
C LEU F 38 -5.52 -20.01 1.15
N LYS F 39 -5.36 -21.06 0.35
CA LYS F 39 -4.19 -21.91 0.49
C LYS F 39 -2.91 -21.15 0.18
N VAL F 40 -2.93 -20.36 -0.90
CA VAL F 40 -1.80 -19.51 -1.25
C VAL F 40 -1.54 -18.48 -0.17
N PHE F 41 -2.59 -17.81 0.30
CA PHE F 41 -2.42 -16.70 1.24
C PHE F 41 -1.90 -17.19 2.59
N LEU F 42 -2.51 -18.24 3.13
CA LEU F 42 -2.11 -18.71 4.45
C LEU F 42 -0.77 -19.40 4.40
N GLU F 43 -0.40 -20.03 3.29
CA GLU F 43 0.96 -20.53 3.20
C GLU F 43 1.96 -19.40 3.18
N ASN F 44 1.68 -18.32 2.46
CA ASN F 44 2.62 -17.22 2.39
C ASN F 44 2.76 -16.50 3.72
N VAL F 45 1.72 -16.49 4.55
CA VAL F 45 1.86 -15.82 5.84
C VAL F 45 2.49 -16.75 6.87
N ILE F 46 2.06 -18.01 6.90
CA ILE F 46 2.54 -18.96 7.90
C ILE F 46 4.01 -19.31 7.67
N ARG F 47 4.49 -19.28 6.42
CA ARG F 47 5.91 -19.49 6.17
C ARG F 47 6.77 -18.44 6.87
N ASP F 48 6.35 -17.18 6.77
CA ASP F 48 7.12 -16.13 7.42
C ASP F 48 6.98 -16.20 8.93
N ALA F 49 5.79 -16.54 9.44
CA ALA F 49 5.62 -16.62 10.88
C ALA F 49 6.45 -17.75 11.49
N VAL F 50 6.54 -18.88 10.78
CA VAL F 50 7.35 -20.00 11.25
C VAL F 50 8.82 -19.65 11.19
N THR F 51 9.27 -18.94 10.15
CA THR F 51 10.68 -18.55 10.13
C THR F 51 11.01 -17.52 11.19
N TYR F 52 10.06 -16.64 11.53
CA TYR F 52 10.27 -15.74 12.66
C TYR F 52 10.42 -16.48 13.98
N THR F 53 9.59 -17.51 14.19
CA THR F 53 9.71 -18.24 15.45
C THR F 53 10.97 -19.10 15.48
N GLU F 54 11.32 -19.71 14.36
CA GLU F 54 12.53 -20.53 14.32
C GLU F 54 13.77 -19.68 14.49
N HIS F 55 13.72 -18.42 14.06
CA HIS F 55 14.83 -17.55 14.38
C HIS F 55 14.80 -17.15 15.84
N ALA F 56 13.61 -17.02 16.42
CA ALA F 56 13.58 -16.60 17.81
C ALA F 56 13.79 -17.74 18.78
N LYS F 57 14.00 -18.97 18.29
CA LYS F 57 14.21 -20.18 19.09
C LYS F 57 13.05 -20.42 20.03
N ARG F 58 11.89 -20.69 19.46
CA ARG F 58 10.72 -21.07 20.23
C ARG F 58 10.04 -22.23 19.55
N LYS F 59 8.99 -22.73 20.20
CA LYS F 59 8.10 -23.67 19.55
C LYS F 59 6.71 -23.11 19.31
N THR F 60 6.30 -22.10 20.07
CA THR F 60 4.97 -21.53 19.91
C THR F 60 5.02 -20.38 18.92
N VAL F 61 4.11 -20.40 17.96
CA VAL F 61 3.92 -19.26 17.08
C VAL F 61 3.06 -18.26 17.84
N THR F 62 3.52 -17.02 17.93
CA THR F 62 2.81 -16.04 18.74
C THR F 62 2.15 -15.00 17.86
N ALA F 63 1.30 -14.20 18.51
CA ALA F 63 0.52 -13.19 17.83
C ALA F 63 1.42 -12.14 17.20
N MET F 64 2.50 -11.77 17.89
CA MET F 64 3.42 -10.79 17.34
C MET F 64 4.15 -11.35 16.13
N ASP F 65 4.38 -12.66 16.09
CA ASP F 65 5.03 -13.25 14.94
C ASP F 65 4.12 -13.21 13.73
N VAL F 66 2.83 -13.43 13.96
CA VAL F 66 1.85 -13.29 12.89
C VAL F 66 1.79 -11.85 12.40
N VAL F 67 1.82 -10.90 13.35
CA VAL F 67 1.79 -9.48 13.01
C VAL F 67 3.02 -9.09 12.20
N TYR F 68 4.17 -9.66 12.53
CA TYR F 68 5.38 -9.30 11.81
C TYR F 68 5.39 -9.88 10.41
N ALA F 69 4.87 -11.10 10.26
CA ALA F 69 4.73 -11.67 8.93
C ALA F 69 3.79 -10.85 8.07
N LEU F 70 2.65 -10.47 8.64
CA LEU F 70 1.67 -9.70 7.89
C LEU F 70 2.14 -8.29 7.61
N LYS F 71 2.93 -7.71 8.49
CA LYS F 71 3.49 -6.40 8.22
C LYS F 71 4.57 -6.50 7.16
N ARG F 72 5.24 -7.65 7.07
CA ARG F 72 6.24 -7.79 6.04
C ARG F 72 5.59 -7.96 4.69
N GLN F 73 4.39 -8.52 4.64
CA GLN F 73 3.66 -8.62 3.38
C GLN F 73 2.74 -7.44 3.12
N GLY F 74 2.89 -6.35 3.86
CA GLY F 74 2.12 -5.16 3.56
C GLY F 74 0.75 -5.09 4.18
N ARG F 75 0.33 -6.09 4.95
CA ARG F 75 -0.95 -6.05 5.66
C ARG F 75 -0.69 -5.78 7.13
N THR F 76 -0.66 -4.52 7.52
CA THR F 76 -0.55 -4.23 8.93
C THR F 76 -1.87 -4.53 9.62
N LEU F 77 -1.80 -5.21 10.77
CA LEU F 77 -2.98 -5.65 11.51
C LEU F 77 -2.93 -5.05 12.90
N TYR F 78 -3.95 -4.29 13.26
CA TYR F 78 -3.97 -3.60 14.54
C TYR F 78 -4.79 -4.37 15.55
N GLY F 79 -4.29 -4.46 16.76
CA GLY F 79 -5.03 -5.04 17.85
C GLY F 79 -4.52 -6.34 18.38
N PHE F 80 -3.26 -6.67 18.11
CA PHE F 80 -2.66 -7.87 18.68
C PHE F 80 -1.26 -7.57 19.20
N GLY F 81 -0.97 -6.30 19.49
CA GLY F 81 0.32 -5.90 19.99
C GLY F 81 0.88 -4.73 19.21
N LYS G 1 52.06 -9.27 5.62
CA LYS G 1 51.15 -9.96 4.69
C LYS G 1 49.73 -9.46 4.92
N ALA G 2 49.15 -8.85 3.87
CA ALA G 2 47.83 -8.24 3.97
C ALA G 2 46.73 -9.26 4.21
N LYS G 3 46.45 -10.08 3.20
CA LYS G 3 45.45 -11.16 3.24
C LYS G 3 44.08 -10.63 3.68
N THR G 4 43.44 -9.89 2.77
CA THR G 4 42.14 -9.28 3.03
C THR G 4 41.08 -10.34 3.31
N ARG G 5 40.00 -9.90 3.96
CA ARG G 5 38.99 -10.84 4.45
C ARG G 5 38.19 -11.47 3.32
N SER G 6 38.02 -10.78 2.20
CA SER G 6 37.30 -11.36 1.07
C SER G 6 38.11 -12.48 0.45
N SER G 7 39.42 -12.28 0.29
CA SER G 7 40.28 -13.37 -0.15
C SER G 7 40.40 -14.43 0.92
N ARG G 8 40.23 -14.04 2.19
CA ARG G 8 40.32 -15.00 3.27
C ARG G 8 39.11 -15.92 3.28
N ALA G 9 37.97 -15.42 2.86
CA ALA G 9 36.75 -16.21 2.76
C ALA G 9 36.50 -16.72 1.35
N GLY G 10 37.36 -16.38 0.40
CA GLY G 10 37.18 -16.88 -0.94
C GLY G 10 36.07 -16.21 -1.70
N LEU G 11 35.95 -14.90 -1.60
CA LEU G 11 34.92 -14.15 -2.28
C LEU G 11 35.54 -13.05 -3.11
N GLN G 12 34.69 -12.38 -3.90
CA GLN G 12 35.13 -11.31 -4.76
C GLN G 12 34.41 -10.01 -4.49
N PHE G 13 33.70 -9.89 -3.39
CA PHE G 13 33.07 -8.66 -2.95
C PHE G 13 33.74 -8.12 -1.70
N PRO G 14 33.79 -6.80 -1.51
CA PRO G 14 34.53 -6.26 -0.38
C PRO G 14 33.87 -6.48 0.96
N VAL G 15 34.38 -7.46 1.70
CA VAL G 15 33.91 -7.74 3.05
C VAL G 15 34.15 -6.54 3.95
N GLY G 16 35.26 -5.85 3.74
CA GLY G 16 35.56 -4.67 4.53
C GLY G 16 34.58 -3.54 4.27
N ARG G 17 34.20 -3.34 3.02
CA ARG G 17 33.22 -2.30 2.72
C ARG G 17 31.84 -2.68 3.21
N VAL G 18 31.49 -3.96 3.17
CA VAL G 18 30.20 -4.38 3.69
C VAL G 18 30.14 -4.18 5.20
N HIS G 19 31.26 -4.42 5.88
CA HIS G 19 31.33 -4.16 7.31
C HIS G 19 31.22 -2.67 7.61
N ARG G 20 31.90 -1.85 6.81
CA ARG G 20 31.83 -0.41 7.04
C ARG G 20 30.44 0.14 6.80
N LEU G 21 29.76 -0.38 5.77
CA LEU G 21 28.40 0.07 5.50
C LEU G 21 27.41 -0.43 6.54
N LEU G 22 27.63 -1.62 7.09
CA LEU G 22 26.76 -2.08 8.17
C LEU G 22 26.98 -1.29 9.45
N ARG G 23 28.23 -0.88 9.73
CA ARG G 23 28.45 -0.09 10.93
C ARG G 23 27.94 1.32 10.77
N LYS G 24 28.30 1.99 9.69
CA LYS G 24 27.89 3.38 9.50
C LYS G 24 26.60 3.47 8.71
N GLY G 25 25.61 2.71 9.14
CA GLY G 25 24.33 2.70 8.47
C GLY G 25 23.23 2.57 9.48
N ASN G 26 23.62 2.52 10.76
CA ASN G 26 22.72 2.52 11.91
C ASN G 26 21.72 1.39 11.86
N TYR G 27 22.18 0.20 11.47
CA TYR G 27 21.30 -0.95 11.50
C TYR G 27 21.26 -1.60 12.86
N SER G 28 22.36 -1.50 13.60
CA SER G 28 22.37 -1.93 14.99
C SER G 28 23.48 -1.20 15.71
N GLU G 29 23.54 -1.42 17.01
CA GLU G 29 24.67 -0.93 17.78
C GLU G 29 25.93 -1.74 17.49
N ARG G 30 25.79 -3.03 17.27
CA ARG G 30 26.94 -3.88 17.04
C ARG G 30 26.76 -4.76 15.81
N VAL G 31 27.88 -5.07 15.18
CA VAL G 31 27.91 -5.92 13.99
C VAL G 31 28.74 -7.14 14.32
N GLY G 32 28.19 -8.31 14.08
CA GLY G 32 28.93 -9.54 14.29
C GLY G 32 30.00 -9.73 13.25
N ALA G 33 30.72 -10.85 13.38
CA ALA G 33 31.88 -11.11 12.54
C ALA G 33 31.52 -11.80 11.24
N GLY G 34 30.71 -12.85 11.30
CA GLY G 34 30.35 -13.57 10.09
C GLY G 34 29.31 -12.89 9.24
N ALA G 35 28.72 -11.82 9.75
CA ALA G 35 27.65 -11.14 9.01
C ALA G 35 28.10 -10.46 7.72
N PRO G 36 29.20 -9.69 7.67
CA PRO G 36 29.59 -9.16 6.35
C PRO G 36 30.05 -10.22 5.39
N VAL G 37 30.61 -11.33 5.90
CA VAL G 37 30.97 -12.45 5.04
C VAL G 37 29.72 -13.03 4.40
N TYR G 38 28.67 -13.16 5.19
CA TYR G 38 27.43 -13.74 4.69
C TYR G 38 26.77 -12.82 3.67
N LEU G 39 26.74 -11.51 3.95
CA LEU G 39 26.17 -10.56 2.99
C LEU G 39 26.94 -10.52 1.69
N ALA G 40 28.28 -10.53 1.78
CA ALA G 40 29.09 -10.46 0.57
C ALA G 40 28.90 -11.69 -0.28
N ALA G 41 28.78 -12.86 0.35
CA ALA G 41 28.53 -14.08 -0.41
C ALA G 41 27.16 -14.06 -1.08
N VAL G 42 26.16 -13.56 -0.36
CA VAL G 42 24.81 -13.49 -0.92
C VAL G 42 24.74 -12.53 -2.10
N LEU G 43 25.35 -11.35 -1.96
CA LEU G 43 25.31 -10.37 -3.04
C LEU G 43 26.09 -10.84 -4.25
N GLU G 44 27.25 -11.46 -4.03
CA GLU G 44 28.01 -12.03 -5.13
C GLU G 44 27.23 -13.13 -5.84
N TYR G 45 26.46 -13.90 -5.08
CA TYR G 45 25.66 -14.94 -5.71
C TYR G 45 24.56 -14.37 -6.59
N LEU G 46 23.85 -13.35 -6.09
CA LEU G 46 22.73 -12.83 -6.86
C LEU G 46 23.18 -12.11 -8.10
N THR G 47 24.28 -11.35 -8.00
CA THR G 47 24.80 -10.75 -9.20
C THR G 47 25.40 -11.79 -10.14
N ALA G 48 25.83 -12.95 -9.63
CA ALA G 48 26.29 -14.00 -10.52
C ALA G 48 25.15 -14.58 -11.33
N GLU G 49 23.99 -14.80 -10.71
CA GLU G 49 22.89 -15.36 -11.49
C GLU G 49 22.30 -14.35 -12.46
N ILE G 50 22.23 -13.08 -12.07
CA ILE G 50 21.73 -12.08 -13.00
C ILE G 50 22.68 -11.87 -14.17
N LEU G 51 23.99 -11.86 -13.91
CA LEU G 51 24.91 -11.73 -15.03
C LEU G 51 24.96 -12.98 -15.89
N GLU G 52 24.68 -14.15 -15.32
CA GLU G 52 24.53 -15.36 -16.11
C GLU G 52 23.40 -15.22 -17.12
N LEU G 53 22.21 -14.86 -16.63
CA LEU G 53 21.06 -14.79 -17.53
C LEU G 53 21.20 -13.65 -18.52
N ALA G 54 21.81 -12.54 -18.10
CA ALA G 54 22.03 -11.42 -19.01
C ALA G 54 23.03 -11.78 -20.09
N GLY G 55 24.06 -12.56 -19.75
CA GLY G 55 25.00 -12.98 -20.76
C GLY G 55 24.40 -13.94 -21.75
N ASN G 56 23.48 -14.80 -21.29
CA ASN G 56 22.79 -15.67 -22.22
C ASN G 56 21.92 -14.87 -23.18
N ALA G 57 21.22 -13.85 -22.69
CA ALA G 57 20.40 -13.02 -23.57
C ALA G 57 21.25 -12.22 -24.55
N ALA G 58 22.37 -11.66 -24.08
CA ALA G 58 23.19 -10.84 -24.94
C ALA G 58 23.92 -11.66 -25.98
N ARG G 59 24.19 -12.94 -25.69
CA ARG G 59 24.70 -13.81 -26.72
C ARG G 59 23.60 -14.18 -27.71
N ASP G 60 22.38 -14.42 -27.21
CA ASP G 60 21.31 -14.79 -28.12
C ASP G 60 20.83 -13.64 -28.99
N ASN G 61 21.22 -12.40 -28.73
CA ASN G 61 21.04 -11.36 -29.72
C ASN G 61 22.30 -11.07 -30.50
N LYS G 62 23.35 -11.88 -30.33
CA LYS G 62 24.64 -11.76 -31.02
C LYS G 62 25.30 -10.41 -30.75
N LYS G 63 25.62 -10.18 -29.48
CA LYS G 63 26.32 -9.00 -29.03
C LYS G 63 27.28 -9.38 -27.92
N THR G 64 28.10 -8.42 -27.50
CA THR G 64 29.01 -8.64 -26.39
C THR G 64 28.76 -7.71 -25.22
N ARG G 65 28.56 -6.43 -25.47
CA ARG G 65 28.25 -5.51 -24.39
C ARG G 65 26.83 -5.79 -23.89
N ILE G 66 26.70 -6.15 -22.62
CA ILE G 66 25.38 -6.26 -22.03
C ILE G 66 24.80 -4.85 -21.85
N ILE G 67 23.56 -4.67 -22.28
CA ILE G 67 22.88 -3.40 -22.10
C ILE G 67 21.63 -3.62 -21.24
N PRO G 68 21.00 -2.56 -20.71
CA PRO G 68 19.76 -2.76 -19.93
C PRO G 68 18.62 -3.43 -20.65
N ARG G 69 18.62 -3.51 -21.98
CA ARG G 69 17.67 -4.38 -22.63
C ARG G 69 17.88 -5.84 -22.24
N HIS G 70 19.14 -6.29 -22.22
CA HIS G 70 19.38 -7.66 -21.81
C HIS G 70 19.16 -7.83 -20.33
N LEU G 71 19.40 -6.78 -19.54
CA LEU G 71 19.09 -6.86 -18.12
C LEU G 71 17.60 -7.03 -17.89
N GLN G 72 16.79 -6.26 -18.60
CA GLN G 72 15.34 -6.34 -18.50
C GLN G 72 14.83 -7.70 -18.92
N LEU G 73 15.38 -8.24 -20.01
CA LEU G 73 14.96 -9.56 -20.48
C LEU G 73 15.33 -10.64 -19.49
N ALA G 74 16.56 -10.59 -18.97
CA ALA G 74 17.02 -11.61 -18.03
C ALA G 74 16.24 -11.58 -16.74
N ILE G 75 15.77 -10.41 -16.33
CA ILE G 75 15.00 -10.36 -15.11
C ILE G 75 13.56 -10.77 -15.33
N ARG G 76 12.94 -10.30 -16.41
CA ARG G 76 11.53 -10.57 -16.58
C ARG G 76 11.23 -11.95 -17.11
N ASN G 77 12.20 -12.64 -17.70
CA ASN G 77 11.95 -14.01 -18.15
C ASN G 77 12.35 -15.05 -17.12
N ASP G 78 12.22 -14.73 -15.83
CA ASP G 78 12.46 -15.67 -14.75
C ASP G 78 11.59 -15.29 -13.57
N GLU G 79 10.92 -16.29 -12.99
CA GLU G 79 9.85 -16.02 -12.04
C GLU G 79 10.40 -15.48 -10.74
N GLU G 80 11.51 -16.05 -10.28
CA GLU G 80 12.07 -15.64 -9.02
C GLU G 80 12.64 -14.22 -9.09
N LEU G 81 13.29 -13.89 -10.19
CA LEU G 81 13.76 -12.52 -10.34
C LEU G 81 12.64 -11.55 -10.61
N ASN G 82 11.52 -12.02 -11.18
CA ASN G 82 10.32 -11.19 -11.24
C ASN G 82 9.81 -10.87 -9.85
N LYS G 83 9.65 -11.88 -9.01
CA LYS G 83 9.08 -11.64 -7.69
C LYS G 83 10.06 -10.87 -6.82
N LEU G 84 11.35 -11.04 -7.04
CA LEU G 84 12.33 -10.27 -6.30
C LEU G 84 12.39 -8.83 -6.80
N LEU G 85 12.15 -8.62 -8.09
CA LEU G 85 12.25 -7.28 -8.64
C LEU G 85 10.93 -6.81 -9.23
N GLY G 86 9.85 -7.03 -8.52
CA GLY G 86 8.53 -6.70 -9.02
C GLY G 86 8.24 -5.22 -9.10
N ARG G 87 8.63 -4.48 -8.07
CA ARG G 87 8.37 -3.05 -8.06
C ARG G 87 9.54 -2.27 -8.65
N VAL G 88 10.27 -2.84 -9.59
CA VAL G 88 11.47 -2.23 -10.12
C VAL G 88 11.26 -1.90 -11.58
N THR G 89 11.43 -0.63 -11.93
CA THR G 89 11.57 -0.22 -13.31
C THR G 89 13.04 0.00 -13.63
N ILE G 90 13.42 -0.38 -14.84
CA ILE G 90 14.81 -0.35 -15.27
C ILE G 90 14.92 0.64 -16.41
N ALA G 91 15.79 1.63 -16.25
CA ALA G 91 15.90 2.69 -17.24
C ALA G 91 16.50 2.16 -18.52
N GLN G 92 15.92 2.59 -19.65
CA GLN G 92 16.25 2.11 -20.99
C GLN G 92 16.15 0.60 -21.08
N GLY G 93 15.12 0.04 -20.44
CA GLY G 93 15.00 -1.39 -20.34
C GLY G 93 14.01 -1.98 -21.31
N GLY G 94 12.95 -1.24 -21.61
CA GLY G 94 11.97 -1.74 -22.52
C GLY G 94 11.01 -2.70 -21.85
N VAL G 95 10.20 -3.33 -22.69
CA VAL G 95 9.12 -4.22 -22.28
C VAL G 95 9.37 -5.58 -22.92
N LEU G 96 8.93 -6.65 -22.25
CA LEU G 96 8.87 -7.94 -22.91
C LEU G 96 7.94 -7.90 -24.11
N PRO G 97 8.28 -8.56 -25.19
CA PRO G 97 7.33 -8.68 -26.30
C PRO G 97 6.21 -9.66 -25.99
N ASN G 98 5.03 -9.15 -25.69
CA ASN G 98 3.90 -10.01 -25.38
C ASN G 98 2.66 -9.42 -26.01
N ILE G 99 2.06 -10.20 -26.90
CA ILE G 99 0.78 -9.88 -27.52
C ILE G 99 -0.27 -10.75 -26.87
N GLN G 100 -1.39 -10.16 -26.48
CA GLN G 100 -2.52 -10.95 -26.02
C GLN G 100 -3.10 -11.72 -27.18
N ALA G 101 -3.43 -13.00 -26.93
CA ALA G 101 -3.69 -13.95 -28.00
C ALA G 101 -4.99 -13.68 -28.75
N VAL G 102 -5.87 -12.86 -28.18
CA VAL G 102 -7.14 -12.56 -28.83
C VAL G 102 -6.91 -11.65 -30.03
N LEU G 103 -5.96 -10.71 -29.91
CA LEU G 103 -5.78 -9.67 -30.91
C LEU G 103 -5.11 -10.17 -32.18
N LEU G 104 -4.65 -11.43 -32.22
CA LEU G 104 -3.97 -11.99 -33.37
C LEU G 104 -4.92 -12.15 -34.55
N PRO G 105 -4.40 -12.13 -35.78
CA PRO G 105 -5.26 -12.37 -36.95
C PRO G 105 -5.68 -13.83 -37.03
N LYS G 106 -6.98 -14.07 -37.17
CA LYS G 106 -8.00 -13.03 -37.26
C LYS G 106 -8.99 -13.15 -36.11
N LYS H 1 32.75 6.87 -7.11
CA LYS H 1 32.97 6.99 -5.68
C LYS H 1 31.64 6.88 -4.93
N GLU H 2 31.29 5.69 -4.45
CA GLU H 2 32.04 4.45 -4.62
C GLU H 2 31.12 3.40 -5.19
N SER H 3 31.51 2.81 -6.30
CA SER H 3 30.65 1.88 -7.00
C SER H 3 31.00 0.45 -6.59
N TYR H 4 30.24 -0.49 -7.12
CA TYR H 4 30.60 -1.89 -7.11
C TYR H 4 31.06 -2.36 -8.48
N SER H 5 31.48 -1.41 -9.33
CA SER H 5 31.71 -1.70 -10.74
C SER H 5 32.86 -2.66 -10.94
N VAL H 6 33.92 -2.50 -10.14
CA VAL H 6 35.08 -3.39 -10.20
C VAL H 6 34.68 -4.81 -9.87
N TYR H 7 33.88 -4.98 -8.83
CA TYR H 7 33.57 -6.32 -8.35
C TYR H 7 32.55 -7.00 -9.24
N VAL H 8 31.58 -6.24 -9.73
CA VAL H 8 30.62 -6.76 -10.69
C VAL H 8 31.33 -7.17 -11.97
N TYR H 9 32.35 -6.40 -12.37
CA TYR H 9 33.10 -6.78 -13.55
C TYR H 9 33.92 -8.05 -13.32
N LYS H 10 34.42 -8.25 -12.10
CA LYS H 10 35.14 -9.48 -11.80
C LYS H 10 34.21 -10.69 -11.85
N VAL H 11 33.01 -10.54 -11.32
CA VAL H 11 32.03 -11.62 -11.40
C VAL H 11 31.63 -11.88 -12.85
N LEU H 12 31.58 -10.83 -13.66
CA LEU H 12 31.23 -10.98 -15.06
C LEU H 12 32.31 -11.74 -15.81
N LYS H 13 33.58 -11.41 -15.58
CA LYS H 13 34.64 -12.16 -16.25
C LYS H 13 34.77 -13.57 -15.71
N GLN H 14 34.31 -13.82 -14.50
CA GLN H 14 34.25 -15.20 -14.04
C GLN H 14 33.15 -15.96 -14.76
N VAL H 15 31.99 -15.34 -14.96
CA VAL H 15 30.85 -16.06 -15.53
C VAL H 15 30.98 -16.19 -17.03
N HIS H 16 30.99 -15.06 -17.74
CA HIS H 16 31.19 -15.06 -19.18
C HIS H 16 32.54 -14.43 -19.46
N PRO H 17 33.54 -15.19 -19.84
CA PRO H 17 34.87 -14.61 -19.99
C PRO H 17 35.07 -13.82 -21.28
N ASP H 18 34.00 -13.54 -22.01
CA ASP H 18 34.09 -12.86 -23.29
C ASP H 18 33.26 -11.60 -23.36
N THR H 19 32.09 -11.57 -22.73
CA THR H 19 31.17 -10.47 -22.89
C THR H 19 31.64 -9.25 -22.10
N GLY H 20 31.11 -8.10 -22.49
CA GLY H 20 31.35 -6.85 -21.81
C GLY H 20 30.07 -6.29 -21.25
N ILE H 21 30.19 -5.14 -20.60
CA ILE H 21 29.06 -4.48 -19.99
C ILE H 21 29.18 -2.98 -20.23
N SER H 22 28.08 -2.38 -20.64
CA SER H 22 28.07 -0.94 -20.84
C SER H 22 28.03 -0.23 -19.51
N SER H 23 28.29 1.08 -19.55
CA SER H 23 28.26 1.85 -18.31
C SER H 23 26.83 2.03 -17.82
N LYS H 24 25.88 2.17 -18.74
CA LYS H 24 24.49 2.26 -18.32
C LYS H 24 23.95 0.95 -17.77
N ALA H 25 24.55 -0.18 -18.11
CA ALA H 25 24.18 -1.42 -17.46
C ALA H 25 24.93 -1.65 -16.17
N MET H 26 26.16 -1.15 -16.09
CA MET H 26 26.93 -1.27 -14.87
C MET H 26 26.31 -0.44 -13.75
N GLY H 27 25.81 0.75 -14.08
CA GLY H 27 25.11 1.55 -13.09
C GLY H 27 23.85 0.89 -12.58
N ILE H 28 23.18 0.12 -13.43
CA ILE H 28 21.99 -0.61 -13.00
C ILE H 28 22.36 -1.74 -12.06
N MET H 29 23.46 -2.44 -12.35
CA MET H 29 23.94 -3.44 -11.40
C MET H 29 24.35 -2.81 -10.07
N ASN H 30 24.90 -1.60 -10.12
CA ASN H 30 25.28 -0.88 -8.91
C ASN H 30 24.04 -0.55 -8.06
N SER H 31 23.00 -0.03 -8.71
CA SER H 31 21.75 0.26 -8.00
C SER H 31 21.10 -1.00 -7.48
N PHE H 32 21.24 -2.10 -8.21
CA PHE H 32 20.73 -3.40 -7.78
C PHE H 32 21.37 -3.85 -6.47
N VAL H 33 22.70 -3.77 -6.42
CA VAL H 33 23.41 -4.22 -5.24
C VAL H 33 23.09 -3.32 -4.05
N ASN H 34 22.99 -2.01 -4.27
CA ASN H 34 22.60 -1.13 -3.18
C ASN H 34 21.19 -1.41 -2.69
N ASP H 35 20.27 -1.72 -3.61
CA ASP H 35 18.91 -2.03 -3.24
C ASP H 35 18.83 -3.27 -2.37
N ILE H 36 19.45 -4.36 -2.81
CA ILE H 36 19.28 -5.59 -2.06
C ILE H 36 20.10 -5.60 -0.77
N PHE H 37 21.22 -4.88 -0.75
CA PHE H 37 21.95 -4.68 0.48
C PHE H 37 21.11 -3.93 1.50
N GLU H 38 20.47 -2.84 1.09
CA GLU H 38 19.63 -2.10 2.02
C GLU H 38 18.42 -2.90 2.46
N ARG H 39 17.85 -3.73 1.59
CA ARG H 39 16.71 -4.55 1.99
C ARG H 39 17.10 -5.53 3.08
N ILE H 40 18.17 -6.30 2.84
CA ILE H 40 18.57 -7.33 3.79
C ILE H 40 19.06 -6.70 5.08
N ALA H 41 19.73 -5.56 5.01
CA ALA H 41 20.22 -4.91 6.21
C ALA H 41 19.08 -4.35 7.05
N GLY H 42 18.15 -3.65 6.42
CA GLY H 42 17.00 -3.15 7.15
C GLY H 42 16.06 -4.22 7.62
N GLU H 43 16.15 -5.42 7.03
CA GLU H 43 15.31 -6.49 7.53
C GLU H 43 15.95 -7.15 8.74
N ALA H 44 17.26 -7.37 8.68
CA ALA H 44 17.95 -7.97 9.82
C ALA H 44 18.02 -7.03 11.00
N SER H 45 17.97 -5.72 10.74
CA SER H 45 17.85 -4.75 11.83
C SER H 45 16.53 -4.93 12.56
N ARG H 46 15.45 -5.14 11.83
CA ARG H 46 14.16 -5.38 12.47
C ARG H 46 14.13 -6.70 13.20
N LEU H 47 14.81 -7.73 12.69
CA LEU H 47 14.91 -8.97 13.44
C LEU H 47 15.68 -8.81 14.74
N ALA H 48 16.77 -8.06 14.70
CA ALA H 48 17.55 -7.82 15.91
C ALA H 48 16.78 -6.99 16.93
N HIS H 49 15.89 -6.12 16.49
CA HIS H 49 15.08 -5.40 17.46
C HIS H 49 13.84 -6.16 17.90
N TYR H 50 13.35 -7.10 17.09
CA TYR H 50 12.23 -7.91 17.54
C TYR H 50 12.66 -8.97 18.53
N ASN H 51 13.93 -9.35 18.52
CA ASN H 51 14.41 -10.30 19.51
C ASN H 51 15.24 -9.65 20.59
N LYS H 52 15.15 -8.33 20.75
CA LYS H 52 15.68 -7.57 21.89
C LYS H 52 17.20 -7.67 22.01
N ARG H 53 17.89 -7.91 20.90
CA ARG H 53 19.32 -8.05 20.92
C ARG H 53 19.97 -6.77 20.43
N SER H 54 21.29 -6.82 20.29
CA SER H 54 22.04 -5.65 19.87
C SER H 54 23.08 -5.93 18.80
N THR H 55 23.47 -7.18 18.59
CA THR H 55 24.42 -7.54 17.56
C THR H 55 23.67 -8.12 16.37
N ILE H 56 24.21 -7.94 15.18
CA ILE H 56 23.71 -8.62 14.00
C ILE H 56 24.72 -9.67 13.60
N THR H 57 24.34 -10.93 13.67
CA THR H 57 25.24 -12.02 13.41
C THR H 57 24.88 -12.69 12.10
N SER H 58 25.61 -13.74 11.77
CA SER H 58 25.30 -14.48 10.56
C SER H 58 24.03 -15.28 10.68
N ARG H 59 23.57 -15.55 11.90
CA ARG H 59 22.28 -16.18 12.09
C ARG H 59 21.15 -15.26 11.63
N GLU H 60 21.33 -13.95 11.81
CA GLU H 60 20.30 -12.99 11.45
C GLU H 60 20.11 -12.95 9.95
N ILE H 61 21.20 -12.77 9.21
CA ILE H 61 21.14 -12.65 7.77
C ILE H 61 20.76 -13.98 7.13
N GLN H 62 20.97 -15.10 7.81
CA GLN H 62 20.47 -16.36 7.27
C GLN H 62 18.95 -16.40 7.27
N THR H 63 18.31 -15.76 8.24
CA THR H 63 16.87 -15.69 8.17
C THR H 63 16.39 -14.52 7.35
N ALA H 64 17.15 -13.42 7.30
CA ALA H 64 16.75 -12.26 6.52
C ALA H 64 16.82 -12.55 5.03
N VAL H 65 17.67 -13.50 4.64
CA VAL H 65 17.63 -14.01 3.28
C VAL H 65 16.33 -14.78 3.05
N ARG H 66 15.96 -15.64 4.00
CA ARG H 66 14.82 -16.52 3.82
C ARG H 66 13.49 -15.77 3.77
N LEU H 67 13.43 -14.57 4.31
CA LEU H 67 12.22 -13.79 4.21
C LEU H 67 12.16 -13.02 2.91
N LEU H 68 13.30 -12.68 2.34
CA LEU H 68 13.30 -11.80 1.18
C LEU H 68 13.48 -12.53 -0.14
N LEU H 69 14.15 -13.67 -0.13
CA LEU H 69 14.29 -14.26 -1.45
C LEU H 69 13.23 -15.32 -1.66
N PRO H 70 12.73 -15.45 -2.87
CA PRO H 70 11.70 -16.46 -3.14
C PRO H 70 12.26 -17.75 -3.66
N GLY H 71 11.75 -18.88 -3.15
CA GLY H 71 11.95 -20.15 -3.82
C GLY H 71 13.36 -20.69 -3.69
N GLU H 72 13.92 -21.09 -4.83
CA GLU H 72 15.24 -21.72 -4.85
C GLU H 72 16.36 -20.72 -4.68
N LEU H 73 16.10 -19.43 -4.88
CA LEU H 73 17.13 -18.43 -4.61
C LEU H 73 17.53 -18.44 -3.16
N ALA H 74 16.57 -18.62 -2.26
CA ALA H 74 16.90 -18.69 -0.84
C ALA H 74 17.71 -19.93 -0.52
N LYS H 75 17.36 -21.06 -1.11
CA LYS H 75 18.06 -22.30 -0.81
C LYS H 75 19.48 -22.27 -1.36
N HIS H 76 19.69 -21.58 -2.47
CA HIS H 76 21.05 -21.49 -2.95
C HIS H 76 21.85 -20.43 -2.21
N ALA H 77 21.22 -19.31 -1.86
CA ALA H 77 21.96 -18.22 -1.25
C ALA H 77 22.38 -18.57 0.18
N VAL H 78 21.52 -19.28 0.91
CA VAL H 78 21.86 -19.72 2.25
C VAL H 78 23.03 -20.69 2.21
N SER H 79 23.03 -21.58 1.22
CA SER H 79 24.12 -22.53 1.06
C SER H 79 25.42 -21.83 0.71
N GLU H 80 25.36 -20.87 -0.21
CA GLU H 80 26.53 -20.12 -0.64
C GLU H 80 27.11 -19.31 0.51
N GLY H 81 26.23 -18.67 1.29
CA GLY H 81 26.69 -17.88 2.42
C GLY H 81 27.32 -18.72 3.51
N THR H 82 26.72 -19.86 3.83
CA THR H 82 27.31 -20.69 4.87
C THR H 82 28.59 -21.36 4.41
N LYS H 83 28.72 -21.65 3.11
CA LYS H 83 29.99 -22.13 2.60
C LYS H 83 31.08 -21.08 2.77
N ALA H 84 30.74 -19.82 2.50
CA ALA H 84 31.71 -18.75 2.68
C ALA H 84 32.07 -18.55 4.14
N VAL H 85 31.09 -18.68 5.04
CA VAL H 85 31.36 -18.48 6.46
C VAL H 85 32.23 -19.60 7.01
N THR H 86 31.95 -20.84 6.59
CA THR H 86 32.79 -21.96 7.02
C THR H 86 34.20 -21.87 6.46
N LYS H 87 34.35 -21.41 5.22
CA LYS H 87 35.69 -21.21 4.69
C LYS H 87 36.40 -20.07 5.39
N TYR H 88 35.65 -19.07 5.85
CA TYR H 88 36.27 -17.95 6.55
C TYR H 88 36.76 -18.37 7.93
N THR H 89 35.92 -19.11 8.66
CA THR H 89 36.30 -19.53 10.01
C THR H 89 37.33 -20.64 9.99
N SER H 90 37.32 -21.49 8.97
CA SER H 90 38.33 -22.53 8.87
C SER H 90 39.69 -21.95 8.53
N ALA H 91 39.73 -20.90 7.72
CA ALA H 91 40.98 -20.26 7.35
C ALA H 91 41.09 -18.88 7.98
N HIS I 1 -14.73 23.03 23.58
CA HIS I 1 -13.57 22.54 24.32
C HIS I 1 -12.28 23.04 23.68
N ALA I 2 -11.14 22.50 24.12
CA ALA I 2 -9.86 23.00 23.63
C ALA I 2 -9.61 22.55 22.20
N TRP I 3 -9.84 21.28 21.92
CA TRP I 3 -9.60 20.71 20.61
C TRP I 3 -10.74 21.00 19.64
N THR I 4 -11.13 22.26 19.50
CA THR I 4 -12.11 22.62 18.49
C THR I 4 -11.61 23.72 17.57
N HIS I 5 -10.49 24.36 17.90
CA HIS I 5 -9.81 25.26 16.99
C HIS I 5 -8.55 24.63 16.44
N ARG I 6 -8.36 23.34 16.69
CA ARG I 6 -7.10 22.68 16.44
C ARG I 6 -7.22 21.50 15.51
N LEU I 7 -8.41 21.09 15.14
CA LEU I 7 -8.62 19.93 14.30
C LEU I 7 -8.96 20.36 12.88
N ARG I 8 -9.33 19.39 12.05
CA ARG I 8 -9.94 19.68 10.77
C ARG I 8 -11.30 18.97 10.74
N GLU I 9 -12.37 19.76 10.67
CA GLU I 9 -13.73 19.25 10.52
C GLU I 9 -14.59 20.39 9.99
N ARG I 10 -14.87 20.39 8.70
CA ARG I 10 -15.66 21.50 8.19
C ARG I 10 -16.90 21.07 7.43
N LYS I 11 -16.78 20.07 6.55
CA LYS I 11 -17.81 19.80 5.57
C LYS I 11 -17.57 18.40 5.00
N GLN I 12 -18.56 17.53 5.00
CA GLN I 12 -19.92 17.81 5.43
C GLN I 12 -20.16 17.24 6.80
N LEU I 13 -21.41 17.28 7.24
CA LEU I 13 -21.83 16.42 8.33
C LEU I 13 -21.93 15.00 7.79
N VAL I 14 -21.41 14.04 8.56
CA VAL I 14 -21.31 12.65 8.13
C VAL I 14 -22.28 11.82 8.96
N ILE I 15 -22.97 10.90 8.32
CA ILE I 15 -23.92 10.02 9.00
C ILE I 15 -23.20 8.74 9.38
N TYR I 16 -23.42 8.27 10.61
CA TYR I 16 -22.80 7.04 11.09
C TYR I 16 -23.83 6.00 11.53
N GLU I 17 -25.01 5.99 10.93
CA GLU I 17 -26.11 5.21 11.46
C GLU I 17 -26.18 3.83 10.82
N GLU I 18 -26.66 2.86 11.60
CA GLU I 18 -26.85 1.49 11.12
C GLU I 18 -28.16 0.97 11.69
N ILE I 19 -29.07 0.56 10.80
CA ILE I 19 -30.45 0.28 11.18
C ILE I 19 -30.82 -1.12 10.71
N SER I 20 -31.34 -1.93 11.62
CA SER I 20 -31.67 -3.32 11.35
C SER I 20 -32.96 -3.51 10.56
N ASP I 21 -33.71 -2.42 10.31
CA ASP I 21 -34.79 -2.15 9.35
C ASP I 21 -35.69 -3.31 8.93
N PRO I 22 -36.49 -3.86 9.84
CA PRO I 22 -37.26 -5.06 9.50
C PRO I 22 -38.58 -4.74 8.81
N GLU I 23 -39.40 -5.78 8.66
CA GLU I 23 -40.82 -5.63 8.37
C GLU I 23 -41.57 -6.85 8.88
N MET J 1 -34.69 22.23 8.84
CA MET J 1 -34.80 22.92 7.55
C MET J 1 -33.88 22.32 6.50
N GLN J 2 -32.82 21.65 6.95
CA GLN J 2 -31.83 21.06 6.05
C GLN J 2 -31.59 19.63 6.52
N ILE J 3 -32.18 18.68 5.81
CA ILE J 3 -32.33 17.31 6.29
C ILE J 3 -31.50 16.39 5.42
N PHE J 4 -30.92 15.34 6.03
CA PHE J 4 -30.05 14.42 5.33
C PHE J 4 -30.65 13.02 5.27
N VAL J 5 -30.13 12.22 4.33
CA VAL J 5 -30.58 10.85 4.14
C VAL J 5 -29.46 10.03 3.52
N LYS J 6 -29.20 8.87 4.10
CA LYS J 6 -28.20 7.94 3.58
C LYS J 6 -28.80 7.06 2.49
N THR J 7 -28.00 6.74 1.48
CA THR J 7 -28.43 5.83 0.43
C THR J 7 -27.84 4.45 0.61
N LEU J 8 -28.38 3.50 -0.15
CA LEU J 8 -27.93 2.11 -0.08
C LEU J 8 -26.53 1.94 -0.64
N THR J 9 -26.08 2.87 -1.48
CA THR J 9 -24.68 2.95 -1.85
C THR J 9 -23.81 3.18 -0.63
N GLY J 10 -24.32 3.93 0.33
CA GLY J 10 -23.55 4.39 1.47
C GLY J 10 -23.41 5.89 1.51
N LYS J 11 -24.03 6.59 0.58
CA LYS J 11 -23.79 8.00 0.37
C LYS J 11 -24.87 8.84 1.03
N THR J 12 -24.45 9.89 1.72
CA THR J 12 -25.36 10.85 2.31
C THR J 12 -25.85 11.82 1.25
N ILE J 13 -27.04 12.36 1.47
CA ILE J 13 -27.66 13.31 0.55
C ILE J 13 -27.92 14.60 1.30
N THR J 14 -27.56 15.73 0.68
CA THR J 14 -27.76 17.04 1.26
C THR J 14 -28.93 17.74 0.57
N LEU J 15 -29.90 18.20 1.37
CA LEU J 15 -31.07 18.86 0.82
C LEU J 15 -31.73 19.72 1.89
N GLU J 16 -32.26 20.87 1.46
CA GLU J 16 -33.01 21.76 2.33
C GLU J 16 -34.49 21.64 2.01
N VAL J 17 -35.31 21.54 3.05
CA VAL J 17 -36.73 21.25 2.94
C VAL J 17 -37.45 22.00 4.05
N GLU J 18 -38.56 22.68 3.70
CA GLU J 18 -39.44 23.29 4.69
C GLU J 18 -40.01 22.23 5.62
N PRO J 19 -39.95 22.44 6.94
CA PRO J 19 -40.30 21.36 7.89
C PRO J 19 -41.79 21.10 8.08
N SER J 20 -42.64 21.61 7.19
CA SER J 20 -44.05 21.22 7.17
C SER J 20 -44.44 20.60 5.84
N ASP J 21 -43.48 20.13 5.06
CA ASP J 21 -43.76 19.54 3.77
C ASP J 21 -44.22 18.09 3.95
N THR J 22 -44.73 17.50 2.87
CA THR J 22 -45.20 16.13 2.91
C THR J 22 -44.02 15.19 2.68
N ILE J 23 -44.32 13.92 2.42
CA ILE J 23 -43.30 12.89 2.33
C ILE J 23 -43.16 12.46 0.88
N GLU J 24 -44.27 12.57 0.13
CA GLU J 24 -44.18 12.40 -1.32
C GLU J 24 -43.38 13.53 -1.97
N ASN J 25 -43.47 14.74 -1.41
CA ASN J 25 -42.70 15.86 -1.95
C ASN J 25 -41.21 15.66 -1.69
N VAL J 26 -40.85 15.09 -0.56
CA VAL J 26 -39.43 14.91 -0.31
C VAL J 26 -38.89 13.65 -0.98
N LYS J 27 -39.75 12.68 -1.28
CA LYS J 27 -39.34 11.62 -2.19
C LYS J 27 -39.08 12.17 -3.58
N ALA J 28 -39.88 13.17 -4.00
CA ALA J 28 -39.56 13.87 -5.23
C ALA J 28 -38.27 14.67 -5.12
N LYS J 29 -38.02 15.27 -3.96
CA LYS J 29 -36.79 16.03 -3.74
C LYS J 29 -35.56 15.14 -3.80
N ILE J 30 -35.65 13.93 -3.26
CA ILE J 30 -34.49 13.05 -3.35
C ILE J 30 -34.41 12.44 -4.73
N GLN J 31 -35.55 12.27 -5.43
CA GLN J 31 -35.53 11.79 -6.80
C GLN J 31 -34.88 12.82 -7.72
N ASP J 32 -34.95 14.10 -7.35
CA ASP J 32 -34.22 15.14 -8.06
C ASP J 32 -32.71 14.92 -7.95
N LYS J 33 -32.25 14.45 -6.79
CA LYS J 33 -30.81 14.37 -6.55
C LYS J 33 -30.22 13.00 -6.86
N GLU J 34 -31.05 11.96 -6.99
CA GLU J 34 -30.56 10.61 -7.27
C GLU J 34 -31.18 10.11 -8.57
N GLY J 35 -30.79 8.89 -8.96
CA GLY J 35 -31.37 8.26 -10.13
C GLY J 35 -32.34 7.16 -9.75
N ILE J 36 -33.14 7.40 -8.72
CA ILE J 36 -34.06 6.40 -8.18
C ILE J 36 -35.44 7.01 -8.01
N PRO J 37 -36.47 6.49 -8.68
CA PRO J 37 -37.82 7.01 -8.50
C PRO J 37 -38.44 6.49 -7.22
N PRO J 38 -39.45 7.17 -6.68
CA PRO J 38 -40.09 6.70 -5.44
C PRO J 38 -41.11 5.59 -5.61
N ASP J 39 -40.83 4.63 -6.48
CA ASP J 39 -41.55 3.36 -6.50
C ASP J 39 -40.86 2.32 -5.64
N GLN J 40 -39.60 2.58 -5.33
CA GLN J 40 -38.75 1.69 -4.56
C GLN J 40 -38.08 2.42 -3.41
N GLN J 41 -38.45 3.67 -3.16
CA GLN J 41 -37.89 4.45 -2.06
C GLN J 41 -38.71 4.16 -0.81
N ARG J 42 -38.23 3.25 0.01
CA ARG J 42 -38.84 2.96 1.31
C ARG J 42 -38.01 3.64 2.38
N LEU J 43 -38.63 4.55 3.14
CA LEU J 43 -37.91 5.38 4.09
C LEU J 43 -38.23 5.00 5.52
N ILE J 44 -37.24 5.18 6.39
CA ILE J 44 -37.38 4.92 7.83
C ILE J 44 -36.81 6.11 8.60
N PHE J 45 -37.60 6.64 9.53
CA PHE J 45 -37.18 7.70 10.44
C PHE J 45 -37.35 7.21 11.86
N ALA J 46 -36.26 6.72 12.45
CA ALA J 46 -36.20 6.29 13.86
C ALA J 46 -37.23 5.20 14.17
N GLY J 47 -37.16 4.12 13.42
CA GLY J 47 -38.01 2.98 13.69
C GLY J 47 -39.32 3.03 12.93
N LYS J 48 -40.18 3.98 13.27
CA LYS J 48 -41.46 4.11 12.58
C LYS J 48 -41.24 4.69 11.19
N GLN J 49 -41.96 4.15 10.22
CA GLN J 49 -41.67 4.44 8.83
C GLN J 49 -42.48 5.64 8.35
N LEU J 50 -42.53 5.80 7.04
CA LEU J 50 -43.05 7.00 6.42
C LEU J 50 -44.17 6.61 5.47
N GLU J 51 -45.18 7.48 5.38
CA GLU J 51 -46.26 7.33 4.42
C GLU J 51 -46.48 8.67 3.75
N ASP J 52 -46.69 8.65 2.42
CA ASP J 52 -46.60 9.84 1.59
C ASP J 52 -47.64 10.93 1.87
N GLY J 53 -48.74 10.57 2.52
CA GLY J 53 -49.77 11.55 2.81
C GLY J 53 -49.52 12.29 4.11
N ARG J 54 -48.47 11.88 4.82
CA ARG J 54 -48.14 12.46 6.10
C ARG J 54 -47.13 13.59 5.93
N THR J 55 -47.01 14.41 6.96
CA THR J 55 -46.20 15.62 6.91
C THR J 55 -45.12 15.59 7.99
N LEU J 56 -44.14 16.48 7.82
CA LEU J 56 -42.97 16.49 8.68
C LEU J 56 -43.29 17.03 10.06
N SER J 57 -44.33 17.86 10.17
CA SER J 57 -44.69 18.50 11.43
C SER J 57 -45.14 17.49 12.48
N ASP J 58 -45.65 16.34 12.03
CA ASP J 58 -46.05 15.28 12.94
C ASP J 58 -44.95 14.25 13.17
N TYR J 59 -43.87 14.31 12.40
CA TYR J 59 -42.85 13.26 12.52
C TYR J 59 -41.54 13.79 13.05
N ASN J 60 -41.62 14.57 14.14
CA ASN J 60 -40.49 14.87 15.02
C ASN J 60 -39.37 15.62 14.30
N ILE J 61 -39.72 16.49 13.37
CA ILE J 61 -38.71 17.11 12.53
C ILE J 61 -37.98 18.19 13.32
N GLN J 62 -36.69 18.32 13.04
CA GLN J 62 -35.80 19.25 13.73
C GLN J 62 -34.86 19.86 12.70
N LYS J 63 -33.86 20.59 13.18
CA LYS J 63 -32.71 20.91 12.36
C LYS J 63 -31.86 19.66 12.19
N GLU J 64 -31.56 19.30 10.94
CA GLU J 64 -30.58 18.25 10.59
C GLU J 64 -30.95 16.89 11.17
N SER J 65 -32.07 16.36 10.71
CA SER J 65 -32.42 15.00 11.08
C SER J 65 -31.90 14.03 10.01
N THR J 66 -32.17 12.75 10.17
CA THR J 66 -31.68 11.73 9.26
C THR J 66 -32.81 10.84 8.78
N LEU J 67 -32.77 10.47 7.50
CA LEU J 67 -33.67 9.49 6.92
C LEU J 67 -32.84 8.34 6.35
N HIS J 68 -33.51 7.24 6.04
CA HIS J 68 -32.80 6.04 5.58
C HIS J 68 -33.64 5.29 4.56
N LEU J 69 -33.15 5.21 3.33
CA LEU J 69 -33.72 4.34 2.32
C LEU J 69 -33.38 2.90 2.63
N VAL J 70 -34.35 1.98 2.50
CA VAL J 70 -33.95 0.62 2.85
C VAL J 70 -34.10 -0.43 1.74
N LEU J 71 -35.28 -0.98 1.49
CA LEU J 71 -35.35 -2.28 0.82
C LEU J 71 -36.79 -2.64 0.46
N ARG J 72 -36.95 -3.93 0.12
CA ARG J 72 -38.19 -4.69 0.17
C ARG J 72 -39.30 -4.24 -0.77
N LEU J 73 -39.11 -4.46 -2.07
CA LEU J 73 -40.18 -4.28 -3.06
C LEU J 73 -41.17 -5.44 -3.06
N ARG J 74 -41.74 -5.76 -1.89
CA ARG J 74 -42.78 -6.76 -1.68
C ARG J 74 -42.43 -8.16 -2.21
#